data_9FP5
#
_entry.id   9FP5
#
_cell.length_a   1.00
_cell.length_b   1.00
_cell.length_c   1.00
_cell.angle_alpha   90.00
_cell.angle_beta   90.00
_cell.angle_gamma   90.00
#
_symmetry.space_group_name_H-M   'P 1'
#
loop_
_entity.id
_entity.type
_entity.pdbx_description
1 polymer 'Capsid protein VP1'
2 polymer 'Capsid protein VP2'
3 polymer 'Capsid protein VP3'
4 polymer 'Capsid protein VP4'
5 non-polymer 'PALMITIC ACID'
6 non-polymer 'MYRISTIC ACID'
#
loop_
_entity_poly.entity_id
_entity_poly.type
_entity_poly.pdbx_seq_one_letter_code
_entity_poly.pdbx_strand_id
1 'polypeptide(L)'
;GDVEEAIERAVVHVADTMRSGPSNSASVPALTAVETGHTSQVTPSDTMQTRHVKNYHSRSESTVENFLGRSACVYMEEYK
TTDNDVNKKFVAWPINTKQMVQMRRKLEMFTYLRFDMEVTFVITSRQDPGTTLAQDMPVLTHQIMYVPPGGPIPAKVDDY
AWQTSTNPSIFWTEGNAPARMSIPFISIGNAYSNFYDGWSNFDQRGSYGYNTLNNLGHIYVRHVSGSSPHPITSTIRVYF
KPKHTRAWVPRPPRLCQYKKAFSVDFTPTPITDTRKDINTVTTVAQSRRRGDMSTLNTH
;
A
2 'polypeptide(L)'
;SPTVEECGYSDRVRSITLGNSTITTQECANVVVGYGRWPTYLRDDEATAEDQPTQPDVATCRFYTLDSIKWEKGSVGWWW
KFPEALSDMGLFGQNMQYHYLGRAGYTIHVQCNASKFHQGCLLVVCVPEAEMGGAVVGQAFSATAMANGDKAYEFTSATQ
SDQTKVQTAIHNAGMGVGVGNLTIYPHQWINLRTNNSATIVMPYINSVPMDNMFRHYNFTLMVIPFVKLDYADTASTYVP
ITVTVAPMCAEYNGLRLAQAQ
;
B
3 'polypeptide(L)'
;GLPTMNTPGSTQFLTSDDFQSPCALPQFDVTPSMNIPGEVKNLMEIAEVDSVVPVNNVQDTTDQMEMFRIPVTINAPLQQ
QVFGLRLQPGLDSVFKHTLLGEILNYYAHWSGSMKLTFVFCGSAMATGKFLIAYSPPGANPPKTRKDAMLGTHIIWDIGL
QSSCVLCVPWISQTHYRLVQQDEYTSAGYVTCWYQTGMIVPPGTPNSSSIMCFASACNDFSVRMLRDTPFISQDNKLQ
;
C
4 'polypeptide(L)' GAQVSTQKTGAHETSLSAAGNSIIHYTNINYYKDAASNSANRQDFTQDPSKFTEPVKDVMIKSLPALN D
#
# COMPACT_ATOMS: atom_id res chain seq x y z
N ASP A 2 27.99 15.43 30.75
CA ASP A 2 27.07 16.03 31.73
C ASP A 2 26.45 17.30 31.16
N VAL A 3 27.25 18.15 30.54
CA VAL A 3 26.74 19.35 29.94
C VAL A 3 26.49 19.10 28.48
N GLU A 4 27.44 18.47 27.82
CA GLU A 4 27.30 18.15 26.41
C GLU A 4 27.52 16.70 26.05
N GLU A 5 26.49 16.04 25.58
CA GLU A 5 26.60 14.67 25.13
C GLU A 5 26.63 14.70 23.64
N ALA A 6 27.46 13.88 23.03
CA ALA A 6 27.59 13.88 21.58
C ALA A 6 26.86 12.71 20.98
N ILE A 7 25.93 12.97 20.07
CA ILE A 7 25.20 11.91 19.41
C ILE A 7 25.97 11.54 18.17
N VAL A 11 25.52 8.87 7.42
CA VAL A 11 24.95 8.90 6.09
C VAL A 11 25.01 7.49 5.58
N VAL A 12 24.05 7.13 4.76
CA VAL A 12 23.97 5.79 4.27
C VAL A 12 24.46 5.70 2.84
N HIS A 13 23.88 6.45 1.94
CA HIS A 13 24.26 6.41 0.52
C HIS A 13 23.80 5.15 -0.18
N VAL A 14 23.38 5.28 -1.43
CA VAL A 14 22.92 4.13 -2.20
C VAL A 14 24.12 3.32 -2.65
N ALA A 15 23.86 2.11 -3.15
CA ALA A 15 24.95 1.21 -3.52
C ALA A 15 25.73 1.76 -4.72
N ASP A 16 27.04 1.52 -4.70
CA ASP A 16 27.89 1.94 -5.80
C ASP A 16 27.78 0.95 -6.96
N THR A 17 28.35 1.33 -8.10
CA THR A 17 28.41 0.49 -9.28
C THR A 17 29.83 -0.02 -9.46
N MET A 18 29.98 -1.33 -9.61
CA MET A 18 31.29 -1.95 -9.73
C MET A 18 31.62 -2.19 -11.20
N ARG A 19 32.92 -2.13 -11.51
CA ARG A 19 33.37 -2.34 -12.87
C ARG A 19 33.11 -3.79 -13.28
N SER A 20 32.60 -3.98 -14.49
CA SER A 20 32.28 -5.29 -15.02
C SER A 20 32.87 -5.42 -16.42
N GLY A 21 33.41 -6.60 -16.72
CA GLY A 21 34.01 -6.85 -18.02
C GLY A 21 33.24 -7.88 -18.80
N PRO A 22 33.77 -8.29 -19.95
CA PRO A 22 33.12 -9.32 -20.75
C PRO A 22 33.04 -10.63 -19.99
N SER A 23 31.99 -11.40 -20.25
CA SER A 23 31.78 -12.66 -19.56
C SER A 23 31.26 -13.70 -20.54
N ASN A 24 31.56 -14.96 -20.25
CA ASN A 24 31.07 -16.10 -21.04
C ASN A 24 31.09 -17.31 -20.10
N SER A 25 29.93 -17.64 -19.54
CA SER A 25 29.88 -18.67 -18.51
C SER A 25 28.48 -19.27 -18.46
N ALA A 26 28.35 -20.30 -17.62
CA ALA A 26 27.08 -20.99 -17.46
C ALA A 26 26.10 -20.24 -16.55
N SER A 27 26.59 -19.31 -15.74
CA SER A 27 25.69 -18.55 -14.88
C SER A 27 24.80 -17.65 -15.72
N VAL A 28 23.53 -17.55 -15.31
CA VAL A 28 22.54 -16.76 -16.04
C VAL A 28 21.80 -15.85 -15.06
N PRO A 29 22.43 -14.77 -14.60
CA PRO A 29 21.73 -13.87 -13.66
C PRO A 29 20.43 -13.31 -14.21
N ALA A 30 20.37 -13.07 -15.52
CA ALA A 30 19.19 -12.44 -16.12
C ALA A 30 17.96 -13.33 -16.07
N LEU A 31 18.12 -14.65 -16.13
CA LEU A 31 16.99 -15.57 -16.16
C LEU A 31 16.55 -15.92 -14.75
N THR A 32 15.25 -15.82 -14.51
CA THR A 32 14.69 -16.04 -13.18
C THR A 32 13.29 -16.61 -13.34
N ALA A 33 12.53 -16.65 -12.25
CA ALA A 33 11.16 -17.16 -12.26
C ALA A 33 10.34 -16.34 -11.27
N VAL A 34 9.39 -15.55 -11.79
CA VAL A 34 8.57 -14.72 -10.93
C VAL A 34 7.54 -15.54 -10.18
N GLU A 35 7.31 -16.80 -10.59
CA GLU A 35 6.32 -17.62 -9.92
C GLU A 35 6.63 -17.82 -8.44
N THR A 36 7.88 -17.65 -8.04
CA THR A 36 8.24 -17.87 -6.64
C THR A 36 7.80 -16.73 -5.74
N GLY A 37 7.29 -15.63 -6.30
CA GLY A 37 7.03 -14.45 -5.51
C GLY A 37 8.26 -13.65 -5.16
N HIS A 38 9.37 -13.89 -5.83
CA HIS A 38 10.65 -13.28 -5.54
C HIS A 38 10.95 -12.21 -6.58
N THR A 39 11.29 -11.01 -6.12
CA THR A 39 11.68 -9.93 -7.02
C THR A 39 13.17 -10.04 -7.33
N SER A 40 13.51 -10.03 -8.61
CA SER A 40 14.89 -10.23 -9.02
C SER A 40 15.79 -9.13 -8.46
N GLN A 41 17.00 -9.51 -8.06
CA GLN A 41 17.97 -8.58 -7.50
C GLN A 41 19.11 -8.28 -8.47
N VAL A 42 18.89 -8.47 -9.77
CA VAL A 42 19.95 -8.17 -10.73
C VAL A 42 20.22 -6.67 -10.76
N THR A 43 21.43 -6.34 -11.19
CA THR A 43 21.89 -4.97 -11.33
C THR A 43 22.51 -4.81 -12.70
N PRO A 44 22.64 -3.59 -13.21
CA PRO A 44 23.20 -3.43 -14.56
C PRO A 44 24.57 -4.07 -14.71
N SER A 45 25.31 -4.19 -13.62
CA SER A 45 26.62 -4.83 -13.66
C SER A 45 26.53 -6.28 -14.10
N ASP A 46 25.35 -6.90 -13.98
CA ASP A 46 25.19 -8.31 -14.27
C ASP A 46 24.78 -8.60 -15.71
N THR A 47 24.48 -7.58 -16.50
CA THR A 47 24.04 -7.80 -17.87
C THR A 47 24.77 -6.95 -18.91
N MET A 48 25.68 -6.07 -18.51
CA MET A 48 26.43 -5.27 -19.47
C MET A 48 27.69 -4.78 -18.79
N GLN A 49 28.66 -4.37 -19.61
CA GLN A 49 29.88 -3.79 -19.07
C GLN A 49 29.61 -2.42 -18.49
N THR A 50 30.14 -2.17 -17.29
CA THR A 50 29.90 -0.94 -16.58
C THR A 50 31.20 -0.40 -16.02
N ARG A 51 31.24 0.90 -15.79
CA ARG A 51 32.37 1.55 -15.15
C ARG A 51 32.13 1.64 -13.65
N HIS A 52 33.20 1.94 -12.92
CA HIS A 52 33.08 2.16 -11.48
C HIS A 52 32.52 3.55 -11.22
N VAL A 53 31.45 3.62 -10.45
CA VAL A 53 30.78 4.88 -10.12
C VAL A 53 30.58 4.96 -8.62
N LYS A 54 30.93 6.07 -8.01
CA LYS A 54 30.72 6.23 -6.58
C LYS A 54 29.54 7.12 -6.35
N ASN A 55 28.42 6.56 -5.89
CA ASN A 55 27.22 7.33 -5.69
C ASN A 55 27.22 7.98 -4.35
N TYR A 56 26.70 9.19 -4.25
CA TYR A 56 26.56 9.86 -2.99
C TYR A 56 25.12 10.19 -2.74
N HIS A 57 24.22 9.75 -3.59
CA HIS A 57 22.80 9.94 -3.36
C HIS A 57 22.35 9.19 -2.13
N SER A 58 21.43 9.79 -1.38
CA SER A 58 20.89 9.19 -0.17
C SER A 58 19.38 9.19 -0.24
N ARG A 59 18.76 8.27 0.49
CA ARG A 59 17.31 8.15 0.49
C ARG A 59 16.72 8.82 1.72
N SER A 60 17.30 9.95 2.11
CA SER A 60 16.88 10.61 3.35
C SER A 60 15.43 11.07 3.28
N GLU A 61 15.02 11.61 2.13
CA GLU A 61 13.71 12.24 2.03
C GLU A 61 12.58 11.26 1.78
N SER A 62 12.89 9.97 1.63
CA SER A 62 11.88 8.95 1.37
C SER A 62 11.42 8.22 2.63
N THR A 63 11.99 8.54 3.78
CA THR A 63 11.60 7.86 5.00
C THR A 63 10.15 8.20 5.35
N VAL A 64 9.49 7.26 6.05
CA VAL A 64 8.09 7.51 6.43
C VAL A 64 8.00 8.70 7.36
N GLU A 65 8.99 8.89 8.22
CA GLU A 65 8.99 10.04 9.12
C GLU A 65 8.92 11.34 8.33
N ASN A 66 9.71 11.47 7.26
CA ASN A 66 9.68 12.68 6.44
C ASN A 66 8.48 12.68 5.51
N PHE A 67 8.06 11.52 5.01
CA PHE A 67 6.94 11.46 4.10
C PHE A 67 5.66 11.95 4.76
N LEU A 68 5.41 11.51 6.00
CA LEU A 68 4.21 11.90 6.72
C LEU A 68 4.40 13.11 7.63
N GLY A 69 5.61 13.66 7.71
CA GLY A 69 5.87 14.75 8.61
C GLY A 69 5.61 16.13 8.03
N ARG A 70 4.43 16.32 7.46
CA ARG A 70 4.03 17.61 6.91
C ARG A 70 2.63 17.94 7.39
N SER A 71 2.42 19.19 7.79
CA SER A 71 1.10 19.60 8.26
C SER A 71 0.11 19.64 7.10
N ALA A 72 -1.06 19.05 7.31
CA ALA A 72 -2.10 18.99 6.30
C ALA A 72 -3.44 19.32 6.92
N CYS A 73 -4.26 20.06 6.18
CA CYS A 73 -5.58 20.45 6.66
C CYS A 73 -6.48 19.22 6.76
N VAL A 74 -7.24 19.13 7.85
CA VAL A 74 -8.17 18.01 8.05
C VAL A 74 -9.61 18.47 8.21
N TYR A 75 -9.86 19.75 8.47
CA TYR A 75 -11.23 20.21 8.67
C TYR A 75 -11.27 21.73 8.69
N MET A 76 -12.35 22.29 8.14
CA MET A 76 -12.65 23.71 8.31
C MET A 76 -14.15 23.89 8.44
N GLU A 77 -14.52 24.88 9.25
CA GLU A 77 -15.92 25.18 9.47
C GLU A 77 -16.06 26.65 9.85
N GLU A 78 -17.26 27.21 9.70
CA GLU A 78 -17.55 28.60 10.01
C GLU A 78 -18.56 28.72 11.14
N TYR A 79 -18.41 29.75 11.96
CA TYR A 79 -19.34 30.06 13.03
C TYR A 79 -19.42 31.57 13.19
N LYS A 80 -20.61 32.05 13.53
CA LYS A 80 -20.89 33.48 13.58
C LYS A 80 -20.96 33.95 15.04
N THR A 81 -20.60 35.22 15.26
CA THR A 81 -20.60 35.76 16.60
C THR A 81 -22.01 35.97 17.13
N THR A 82 -22.94 36.37 16.26
CA THR A 82 -24.32 36.59 16.65
C THR A 82 -25.24 36.13 15.53
N ASP A 83 -26.32 35.45 15.89
CA ASP A 83 -27.30 34.98 14.92
C ASP A 83 -28.52 34.46 15.66
N ASN A 84 -29.61 34.29 14.91
CA ASN A 84 -30.86 33.79 15.47
C ASN A 84 -30.80 32.29 15.75
N ASP A 85 -30.13 31.53 14.89
CA ASP A 85 -30.02 30.08 15.07
C ASP A 85 -28.92 29.79 16.09
N VAL A 86 -29.26 29.06 17.14
CA VAL A 86 -28.30 28.78 18.19
C VAL A 86 -27.21 27.84 17.70
N ASN A 87 -27.56 26.86 16.88
CA ASN A 87 -26.61 25.86 16.43
C ASN A 87 -25.55 26.41 15.50
N LYS A 88 -25.75 27.61 14.95
CA LYS A 88 -24.86 28.18 13.96
C LYS A 88 -23.81 29.10 14.57
N LYS A 89 -23.79 29.25 15.90
CA LYS A 89 -22.84 30.10 16.58
C LYS A 89 -21.66 29.34 17.17
N PHE A 90 -21.55 28.03 16.93
CA PHE A 90 -20.41 27.26 17.41
C PHE A 90 -20.28 26.01 16.55
N VAL A 91 -19.13 25.36 16.64
CA VAL A 91 -18.83 24.18 15.85
C VAL A 91 -18.69 22.98 16.77
N ALA A 92 -18.93 21.78 16.20
CA ALA A 92 -18.81 20.53 16.95
C ALA A 92 -18.43 19.45 15.95
N TRP A 93 -17.17 19.03 15.99
CA TRP A 93 -16.63 18.12 14.98
C TRP A 93 -16.20 16.82 15.63
N PRO A 94 -16.73 15.66 15.21
CA PRO A 94 -16.18 14.38 15.68
C PRO A 94 -14.87 14.08 14.96
N ILE A 95 -13.79 13.95 15.74
CA ILE A 95 -12.45 13.88 15.16
C ILE A 95 -12.33 12.66 14.27
N ASN A 96 -11.81 12.85 13.07
CA ASN A 96 -11.49 11.76 12.15
C ASN A 96 -10.59 12.32 11.07
N THR A 97 -9.90 11.42 10.36
CA THR A 97 -8.94 11.80 9.33
C THR A 97 -9.44 11.51 7.92
N LYS A 98 -10.71 11.20 7.74
CA LYS A 98 -11.23 10.83 6.43
C LYS A 98 -11.92 11.99 5.71
N GLN A 99 -11.91 13.20 6.27
CA GLN A 99 -12.67 14.29 5.68
C GLN A 99 -11.98 14.87 4.45
N MET A 100 -10.66 15.03 4.49
CA MET A 100 -9.91 15.68 3.42
C MET A 100 -9.16 14.64 2.62
N VAL A 101 -9.20 14.78 1.30
CA VAL A 101 -8.81 13.69 0.42
C VAL A 101 -7.30 13.46 0.44
N GLN A 102 -6.50 14.52 0.39
CA GLN A 102 -5.06 14.35 0.19
C GLN A 102 -4.43 13.63 1.37
N MET A 103 -4.64 14.11 2.59
CA MET A 103 -4.04 13.46 3.74
C MET A 103 -4.64 12.08 3.95
N ARG A 104 -5.91 11.91 3.62
CA ARG A 104 -6.53 10.60 3.69
C ARG A 104 -5.77 9.60 2.82
N ARG A 105 -5.46 9.97 1.59
CA ARG A 105 -4.77 9.07 0.72
C ARG A 105 -3.36 8.85 1.19
N LYS A 106 -2.71 9.88 1.69
CA LYS A 106 -1.37 9.68 2.22
C LYS A 106 -1.38 8.65 3.35
N LEU A 107 -2.36 8.74 4.24
CA LEU A 107 -2.40 7.83 5.38
C LEU A 107 -2.75 6.41 4.95
N GLU A 108 -3.73 6.27 4.05
CA GLU A 108 -4.21 4.94 3.69
C GLU A 108 -3.23 4.13 2.83
N MET A 109 -1.99 4.60 2.64
CA MET A 109 -0.99 3.74 2.04
C MET A 109 -0.45 2.71 3.01
N PHE A 110 -0.81 2.80 4.28
CA PHE A 110 -0.40 1.84 5.30
C PHE A 110 -1.63 1.34 6.05
N THR A 111 -1.53 0.14 6.60
CA THR A 111 -2.66 -0.45 7.30
C THR A 111 -2.70 -0.04 8.76
N TYR A 112 -1.55 0.03 9.43
CA TYR A 112 -1.47 0.39 10.83
C TYR A 112 -0.42 1.48 11.03
N LEU A 113 -0.74 2.46 11.87
CA LEU A 113 0.15 3.59 12.12
C LEU A 113 0.19 3.85 13.62
N ARG A 114 1.33 4.34 14.09
CA ARG A 114 1.54 4.70 15.49
C ARG A 114 2.41 5.93 15.56
N PHE A 115 1.87 7.04 16.07
CA PHE A 115 2.61 8.29 16.07
C PHE A 115 2.05 9.23 17.11
N ASP A 116 2.89 10.18 17.53
CA ASP A 116 2.41 11.37 18.23
C ASP A 116 1.88 12.37 17.23
N MET A 117 1.11 13.33 17.72
CA MET A 117 0.43 14.29 16.87
C MET A 117 0.74 15.71 17.31
N GLU A 118 0.83 16.60 16.34
CA GLU A 118 0.99 18.03 16.59
C GLU A 118 -0.13 18.77 15.86
N VAL A 119 -0.96 19.48 16.62
CA VAL A 119 -2.17 20.10 16.10
C VAL A 119 -1.99 21.61 16.10
N THR A 120 -2.33 22.25 14.98
CA THR A 120 -2.24 23.69 14.83
C THR A 120 -3.58 24.22 14.36
N PHE A 121 -3.99 25.36 14.90
CA PHE A 121 -5.28 25.96 14.58
C PHE A 121 -5.06 27.33 13.94
N VAL A 122 -5.70 27.55 12.79
CA VAL A 122 -5.65 28.83 12.09
C VAL A 122 -7.06 29.40 12.07
N ILE A 123 -7.23 30.59 12.61
CA ILE A 123 -8.53 31.23 12.76
C ILE A 123 -8.50 32.59 12.09
N THR A 124 -9.51 32.89 11.28
CA THR A 124 -9.64 34.18 10.63
C THR A 124 -11.09 34.64 10.71
N SER A 125 -11.28 35.96 10.67
CA SER A 125 -12.60 36.55 10.81
C SER A 125 -12.83 37.58 9.73
N ARG A 126 -14.10 37.77 9.38
CA ARG A 126 -14.50 38.75 8.39
C ARG A 126 -15.90 39.26 8.72
N GLN A 127 -16.15 40.52 8.39
CA GLN A 127 -17.46 41.11 8.63
C GLN A 127 -18.43 40.72 7.52
N ASP A 128 -19.65 40.35 7.90
CA ASP A 128 -20.64 39.97 6.92
C ASP A 128 -21.17 41.21 6.20
N PRO A 129 -21.53 41.10 4.92
CA PRO A 129 -22.07 42.25 4.21
C PRO A 129 -23.44 42.64 4.72
N GLY A 130 -23.78 43.91 4.54
CA GLY A 130 -25.05 44.42 4.99
C GLY A 130 -25.23 45.86 4.60
N THR A 131 -26.41 46.40 4.91
CA THR A 131 -26.73 47.78 4.57
C THR A 131 -26.04 48.79 5.48
N THR A 132 -25.56 48.38 6.64
CA THR A 132 -24.89 49.29 7.56
C THR A 132 -23.77 48.53 8.26
N LEU A 133 -22.54 48.97 8.06
CA LEU A 133 -21.37 48.27 8.55
C LEU A 133 -20.54 49.06 9.54
N ALA A 134 -20.86 50.33 9.77
CA ALA A 134 -20.06 51.19 10.63
C ALA A 134 -20.19 50.74 12.08
N GLN A 135 -19.13 50.16 12.62
CA GLN A 135 -19.08 49.80 14.03
C GLN A 135 -17.63 49.79 14.50
N ASP A 136 -17.45 49.84 15.81
CA ASP A 136 -16.15 49.70 16.43
C ASP A 136 -16.19 48.51 17.38
N MET A 137 -15.33 47.52 17.15
CA MET A 137 -15.32 46.30 17.93
C MET A 137 -13.89 45.99 18.35
N PRO A 138 -13.62 45.74 19.63
CA PRO A 138 -12.28 45.33 20.04
C PRO A 138 -11.90 43.98 19.47
N VAL A 139 -10.67 43.56 19.78
CA VAL A 139 -10.16 42.30 19.27
C VAL A 139 -10.96 41.14 19.84
N LEU A 140 -11.22 40.13 19.02
CA LEU A 140 -11.99 38.98 19.43
C LEU A 140 -11.11 37.93 20.10
N THR A 141 -11.75 37.05 20.88
CA THR A 141 -11.07 35.94 21.53
C THR A 141 -11.86 34.66 21.28
N HIS A 142 -11.15 33.55 21.13
CA HIS A 142 -11.75 32.27 20.77
C HIS A 142 -11.33 31.21 21.78
N GLN A 143 -12.19 30.21 21.96
CA GLN A 143 -11.90 29.07 22.82
C GLN A 143 -12.04 27.78 22.03
N ILE A 144 -11.06 26.90 22.18
CA ILE A 144 -11.09 25.57 21.59
C ILE A 144 -11.15 24.55 22.71
N MET A 145 -12.16 23.70 22.71
CA MET A 145 -12.42 22.75 23.78
C MET A 145 -12.35 21.34 23.22
N TYR A 146 -11.69 20.44 23.93
CA TYR A 146 -11.59 19.04 23.54
C TYR A 146 -12.31 18.18 24.57
N VAL A 147 -13.27 17.39 24.10
CA VAL A 147 -14.10 16.58 24.98
C VAL A 147 -13.88 15.10 24.66
N PRO A 148 -13.15 14.36 25.50
CA PRO A 148 -13.00 12.93 25.27
C PRO A 148 -14.35 12.23 25.24
N PRO A 149 -14.43 11.03 24.67
CA PRO A 149 -15.73 10.39 24.51
C PRO A 149 -16.43 10.18 25.84
N GLY A 150 -17.74 10.42 25.85
CA GLY A 150 -18.55 10.25 27.04
C GLY A 150 -18.72 11.49 27.89
N GLY A 151 -17.97 12.55 27.63
CA GLY A 151 -18.06 13.76 28.39
C GLY A 151 -19.28 14.58 28.03
N PRO A 152 -19.61 15.58 28.84
CA PRO A 152 -20.75 16.45 28.52
C PRO A 152 -20.47 17.28 27.28
N ILE A 153 -21.53 17.60 26.54
CA ILE A 153 -21.40 18.37 25.31
C ILE A 153 -22.21 19.66 25.45
N PRO A 154 -21.66 20.82 25.07
CA PRO A 154 -22.43 22.06 25.14
C PRO A 154 -23.54 22.08 24.10
N ALA A 155 -24.68 22.64 24.48
CA ALA A 155 -25.82 22.76 23.58
C ALA A 155 -26.04 24.18 23.08
N LYS A 156 -25.29 25.15 23.60
CA LYS A 156 -25.43 26.54 23.18
C LYS A 156 -24.16 27.28 23.52
N VAL A 157 -24.01 28.48 22.96
CA VAL A 157 -22.75 29.21 23.08
C VAL A 157 -22.44 29.59 24.51
N ASP A 158 -23.44 29.77 25.37
CA ASP A 158 -23.24 30.18 26.75
C ASP A 158 -23.66 29.08 27.73
N ASP A 159 -23.39 27.83 27.39
CA ASP A 159 -23.74 26.72 28.26
C ASP A 159 -22.75 26.62 29.42
N TYR A 160 -23.12 25.83 30.42
CA TYR A 160 -22.24 25.64 31.57
C TYR A 160 -21.05 24.77 31.23
N ALA A 161 -21.16 23.93 30.19
CA ALA A 161 -20.10 22.97 29.90
C ALA A 161 -18.79 23.66 29.53
N TRP A 162 -18.85 24.93 29.13
CA TRP A 162 -17.66 25.64 28.69
C TRP A 162 -16.75 26.05 29.84
N GLN A 163 -17.05 25.63 31.07
CA GLN A 163 -16.26 26.05 32.23
C GLN A 163 -15.23 24.98 32.58
N THR A 164 -14.65 24.36 31.54
CA THR A 164 -13.84 23.16 31.69
C THR A 164 -13.01 23.15 32.97
N SER A 165 -13.21 22.13 33.79
CA SER A 165 -12.36 21.91 34.95
C SER A 165 -11.36 20.78 34.69
N THR A 166 -11.70 19.88 33.77
CA THR A 166 -10.81 18.78 33.42
C THR A 166 -10.57 18.64 31.92
N ASN A 167 -11.49 19.10 31.07
CA ASN A 167 -11.26 19.06 29.63
C ASN A 167 -10.21 20.11 29.26
N PRO A 168 -9.17 19.74 28.50
CA PRO A 168 -8.20 20.75 28.07
C PRO A 168 -8.83 21.75 27.11
N SER A 169 -8.32 22.98 27.16
CA SER A 169 -8.85 24.07 26.33
C SER A 169 -7.73 25.03 26.01
N ILE A 170 -7.95 25.85 24.98
CA ILE A 170 -7.04 26.93 24.62
C ILE A 170 -7.83 28.19 24.37
N PHE A 171 -7.36 29.30 24.93
CA PHE A 171 -7.91 30.62 24.66
C PHE A 171 -6.91 31.40 23.82
N TRP A 172 -7.36 31.90 22.67
CA TRP A 172 -6.49 32.52 21.69
C TRP A 172 -7.08 33.86 21.27
N THR A 173 -6.21 34.87 21.15
CA THR A 173 -6.61 36.22 20.78
C THR A 173 -6.11 36.53 19.38
N GLU A 174 -6.98 37.15 18.57
CA GLU A 174 -6.63 37.41 17.18
C GLU A 174 -5.44 38.35 17.08
N GLY A 175 -4.63 38.15 16.04
CA GLY A 175 -3.44 38.94 15.82
C GLY A 175 -2.15 38.29 16.27
N ASN A 176 -2.23 37.18 17.00
CA ASN A 176 -1.03 36.51 17.50
C ASN A 176 -0.68 35.33 16.60
N ALA A 177 0.32 34.56 17.01
CA ALA A 177 0.69 33.37 16.26
C ALA A 177 -0.39 32.30 16.43
N PRO A 178 -0.52 31.39 15.46
CA PRO A 178 -1.54 30.34 15.58
C PRO A 178 -1.27 29.45 16.79
N ALA A 179 -2.36 28.91 17.34
CA ALA A 179 -2.27 28.02 18.49
C ALA A 179 -1.67 26.68 18.07
N ARG A 180 -1.03 26.00 19.02
CA ARG A 180 -0.40 24.72 18.72
C ARG A 180 -0.25 23.91 20.00
N MET A 181 -0.17 22.59 19.86
CA MET A 181 -0.01 21.71 20.99
C MET A 181 0.51 20.37 20.50
N SER A 182 0.80 19.48 21.44
CA SER A 182 1.22 18.12 21.15
C SER A 182 0.27 17.13 21.78
N ILE A 183 0.07 16.01 21.11
CA ILE A 183 -0.83 14.96 21.59
C ILE A 183 -0.10 13.63 21.54
N PRO A 184 -0.14 12.82 22.59
CA PRO A 184 0.51 11.50 22.53
C PRO A 184 -0.32 10.47 21.77
N PHE A 185 0.11 9.22 21.79
CA PHE A 185 -0.58 8.12 21.12
C PHE A 185 -1.75 7.67 22.00
N ILE A 186 -2.97 8.02 21.60
CA ILE A 186 -4.13 7.88 22.47
C ILE A 186 -5.06 6.75 22.04
N SER A 187 -4.52 5.73 21.38
CA SER A 187 -5.35 4.61 20.96
C SER A 187 -5.42 3.54 22.04
N ILE A 188 -6.57 2.89 22.16
CA ILE A 188 -6.72 1.78 23.09
C ILE A 188 -5.93 0.57 22.61
N GLY A 189 -5.91 0.36 21.30
CA GLY A 189 -5.11 -0.71 20.73
C GLY A 189 -3.65 -0.34 20.62
N ASN A 190 -2.85 -1.30 20.15
CA ASN A 190 -1.42 -1.08 20.01
C ASN A 190 -1.06 -0.22 18.80
N ALA A 191 -2.01 0.09 17.93
CA ALA A 191 -1.74 0.94 16.77
C ALA A 191 -3.06 1.41 16.18
N TYR A 192 -3.02 2.58 15.55
CA TYR A 192 -4.18 3.04 14.79
C TYR A 192 -4.39 2.13 13.59
N SER A 193 -5.66 1.94 13.23
CA SER A 193 -6.02 1.12 12.09
C SER A 193 -6.78 1.97 11.08
N ASN A 194 -6.24 2.10 9.87
CA ASN A 194 -6.94 2.82 8.82
C ASN A 194 -8.09 2.00 8.26
N PHE A 195 -7.97 0.68 8.28
CA PHE A 195 -8.98 -0.21 7.73
C PHE A 195 -9.37 -1.24 8.78
N TYR A 196 -10.64 -1.61 8.77
CA TYR A 196 -11.17 -2.62 9.70
C TYR A 196 -12.21 -3.43 8.95
N ASP A 197 -11.84 -4.65 8.56
CA ASP A 197 -12.76 -5.55 7.86
C ASP A 197 -13.48 -6.41 8.90
N GLY A 198 -14.53 -5.83 9.47
CA GLY A 198 -15.27 -6.52 10.50
C GLY A 198 -16.51 -5.74 10.88
N TRP A 199 -17.26 -6.31 11.81
CA TRP A 199 -18.54 -5.77 12.26
C TRP A 199 -18.45 -5.34 13.72
N SER A 200 -19.52 -4.70 14.18
CA SER A 200 -19.54 -4.24 15.57
C SER A 200 -20.14 -5.30 16.48
N ASN A 201 -21.22 -5.95 16.07
CA ASN A 201 -21.88 -6.98 16.86
C ASN A 201 -21.22 -8.33 16.61
N PHE A 202 -21.30 -9.21 17.61
CA PHE A 202 -20.64 -10.50 17.53
C PHE A 202 -21.28 -11.44 16.52
N ASP A 203 -22.56 -11.22 16.17
CA ASP A 203 -23.24 -12.04 15.18
C ASP A 203 -23.15 -11.46 13.78
N GLN A 204 -22.12 -10.65 13.50
CA GLN A 204 -21.90 -10.08 12.18
C GLN A 204 -23.09 -9.24 11.73
N ARG A 205 -23.32 -8.17 12.49
CA ARG A 205 -24.42 -7.25 12.19
C ARG A 205 -24.05 -5.89 12.79
N GLY A 206 -24.71 -4.86 12.29
CA GLY A 206 -24.50 -3.51 12.78
C GLY A 206 -23.62 -2.68 11.87
N SER A 207 -22.80 -1.82 12.45
CA SER A 207 -21.89 -1.00 11.65
C SER A 207 -20.77 -1.87 11.08
N TYR A 208 -20.30 -1.48 9.90
CA TYR A 208 -19.24 -2.19 9.20
C TYR A 208 -18.15 -1.21 8.76
N GLY A 209 -16.91 -1.62 8.95
CA GLY A 209 -15.79 -0.85 8.45
C GLY A 209 -15.10 -0.02 9.51
N TYR A 210 -14.26 0.90 9.05
CA TYR A 210 -13.49 1.74 9.96
C TYR A 210 -14.37 2.55 10.91
N ASN A 211 -15.62 2.77 10.54
CA ASN A 211 -16.49 3.59 11.38
C ASN A 211 -16.60 3.02 12.80
N THR A 212 -16.33 1.72 12.97
CA THR A 212 -16.53 1.10 14.27
C THR A 212 -15.45 1.50 15.28
N LEU A 213 -14.26 1.84 14.81
CA LEU A 213 -13.13 2.09 15.70
C LEU A 213 -12.85 3.58 15.92
N ASN A 214 -13.74 4.46 15.47
CA ASN A 214 -13.51 5.90 15.60
C ASN A 214 -14.22 6.39 16.86
N ASN A 215 -13.45 6.51 17.94
CA ASN A 215 -13.93 6.97 19.24
C ASN A 215 -12.92 7.94 19.85
N LEU A 216 -12.52 8.94 19.06
CA LEU A 216 -11.49 9.88 19.48
C LEU A 216 -12.02 11.11 20.20
N GLY A 217 -13.32 11.36 20.18
CA GLY A 217 -13.89 12.50 20.87
C GLY A 217 -14.43 13.57 19.94
N HIS A 218 -14.49 14.79 20.46
CA HIS A 218 -15.03 15.94 19.74
C HIS A 218 -14.17 17.17 20.00
N ILE A 219 -14.33 18.17 19.14
CA ILE A 219 -13.72 19.48 19.30
C ILE A 219 -14.81 20.54 19.15
N TYR A 220 -14.83 21.50 20.08
CA TYR A 220 -15.81 22.57 20.08
C TYR A 220 -15.09 23.92 20.05
N VAL A 221 -15.70 24.91 19.40
CA VAL A 221 -15.12 26.23 19.26
C VAL A 221 -16.22 27.28 19.37
N ARG A 222 -15.87 28.44 19.95
CA ARG A 222 -16.82 29.53 20.11
C ARG A 222 -16.06 30.83 20.27
N HIS A 223 -16.78 31.94 20.09
CA HIS A 223 -16.29 33.23 20.56
C HIS A 223 -16.55 33.34 22.05
N VAL A 224 -15.51 33.72 22.80
CA VAL A 224 -15.61 33.69 24.26
C VAL A 224 -16.79 34.55 24.73
N SER A 225 -16.75 35.85 24.46
CA SER A 225 -17.85 36.73 24.82
C SER A 225 -18.16 37.74 23.74
N GLY A 226 -17.48 37.70 22.59
CA GLY A 226 -17.76 38.65 21.53
C GLY A 226 -19.18 38.47 21.01
N SER A 227 -19.91 39.58 20.96
CA SER A 227 -21.23 39.59 20.34
C SER A 227 -21.46 40.96 19.72
N SER A 228 -21.00 41.14 18.48
CA SER A 228 -21.08 42.45 17.84
C SER A 228 -22.48 42.86 17.41
N PRO A 229 -22.74 44.17 17.36
CA PRO A 229 -24.05 44.62 16.87
C PRO A 229 -24.37 44.08 15.49
N HIS A 230 -23.34 43.94 14.63
CA HIS A 230 -23.53 43.37 13.30
C HIS A 230 -22.82 42.03 13.21
N PRO A 231 -23.35 41.07 12.44
CA PRO A 231 -22.75 39.73 12.43
C PRO A 231 -21.32 39.74 11.94
N ILE A 232 -20.52 38.84 12.52
CA ILE A 232 -19.15 38.59 12.08
C ILE A 232 -18.97 37.08 11.98
N THR A 233 -18.34 36.63 10.91
CA THR A 233 -18.14 35.22 10.64
C THR A 233 -16.67 34.87 10.80
N SER A 234 -16.40 33.77 11.50
CA SER A 234 -15.04 33.28 11.70
C SER A 234 -14.93 31.86 11.15
N THR A 235 -13.75 31.54 10.62
CA THR A 235 -13.46 30.23 10.08
C THR A 235 -12.24 29.65 10.78
N ILE A 236 -12.32 28.37 11.13
CA ILE A 236 -11.21 27.67 11.80
C ILE A 236 -10.74 26.55 10.88
N ARG A 237 -9.42 26.37 10.81
CA ARG A 237 -8.80 25.30 10.06
C ARG A 237 -7.92 24.50 11.00
N VAL A 238 -8.00 23.17 10.90
CA VAL A 238 -7.26 22.26 11.77
C VAL A 238 -6.22 21.54 10.94
N TYR A 239 -4.98 21.53 11.43
CA TYR A 239 -3.86 20.90 10.74
C TYR A 239 -3.25 19.84 11.64
N PHE A 240 -2.99 18.66 11.08
CA PHE A 240 -2.38 17.55 11.78
C PHE A 240 -0.98 17.30 11.23
N LYS A 241 -0.08 16.86 12.10
CA LYS A 241 1.31 16.63 11.74
C LYS A 241 1.85 15.46 12.56
N PRO A 242 1.90 14.26 11.99
CA PRO A 242 2.43 13.12 12.73
C PRO A 242 3.90 13.30 13.11
N LYS A 243 4.26 12.76 14.26
CA LYS A 243 5.62 12.76 14.75
C LYS A 243 5.98 11.37 15.27
N HIS A 244 7.25 11.02 15.16
CA HIS A 244 7.75 9.74 15.67
C HIS A 244 6.96 8.58 15.07
N THR A 245 6.87 8.55 13.74
CA THR A 245 5.93 7.68 13.06
C THR A 245 6.49 6.26 12.90
N ARG A 246 5.60 5.28 12.95
CA ARG A 246 5.89 3.90 12.60
C ARG A 246 4.72 3.35 11.80
N ALA A 247 5.02 2.55 10.78
CA ALA A 247 4.00 2.04 9.88
C ALA A 247 4.24 0.57 9.60
N TRP A 248 3.16 -0.16 9.31
CA TRP A 248 3.20 -1.57 9.02
C TRP A 248 2.30 -1.91 7.84
N VAL A 249 2.64 -2.99 7.14
CA VAL A 249 1.79 -3.58 6.11
C VAL A 249 1.39 -2.54 5.06
N PRO A 250 2.29 -2.16 4.16
CA PRO A 250 1.90 -1.23 3.09
C PRO A 250 0.87 -1.87 2.16
N ARG A 251 0.04 -1.02 1.57
CA ARG A 251 -1.00 -1.43 0.66
C ARG A 251 -1.05 -0.48 -0.53
N PRO A 252 -1.56 -0.93 -1.67
CA PRO A 252 -1.48 -0.11 -2.89
C PRO A 252 -2.25 1.19 -2.76
N PRO A 253 -1.79 2.27 -3.38
CA PRO A 253 -2.53 3.53 -3.32
C PRO A 253 -3.88 3.41 -4.00
N ARG A 254 -4.84 4.19 -3.52
CA ARG A 254 -6.18 4.15 -4.08
C ARG A 254 -6.18 4.70 -5.50
N LEU A 255 -7.09 4.16 -6.33
CA LEU A 255 -7.21 4.57 -7.71
C LEU A 255 -8.48 5.37 -7.94
N CYS A 256 -9.59 4.96 -7.33
CA CYS A 256 -10.87 5.61 -7.54
C CYS A 256 -11.02 6.82 -6.62
N GLN A 257 -11.82 7.79 -7.06
CA GLN A 257 -12.08 8.96 -6.26
C GLN A 257 -12.93 8.59 -5.05
N TYR A 258 -12.73 9.35 -3.97
CA TYR A 258 -13.50 9.15 -2.75
C TYR A 258 -14.89 9.74 -2.90
N LYS A 259 -15.85 9.10 -2.24
CA LYS A 259 -17.24 9.54 -2.30
C LYS A 259 -17.94 9.62 -0.95
N LYS A 260 -17.45 8.94 0.08
CA LYS A 260 -18.04 8.99 1.40
C LYS A 260 -16.94 9.17 2.44
N ALA A 261 -17.28 9.85 3.53
CA ALA A 261 -16.31 10.14 4.56
C ALA A 261 -16.11 8.98 5.53
N PHE A 262 -17.02 8.01 5.55
CA PHE A 262 -16.93 6.90 6.48
C PHE A 262 -17.20 5.56 5.78
N SER A 263 -16.80 5.46 4.52
CA SER A 263 -17.01 4.23 3.77
C SER A 263 -15.97 4.15 2.66
N VAL A 264 -15.77 2.93 2.16
CA VAL A 264 -14.85 2.71 1.04
C VAL A 264 -15.56 2.77 -0.29
N ASP A 265 -16.87 3.02 -0.31
CA ASP A 265 -17.67 3.00 -1.53
C ASP A 265 -16.99 3.77 -2.66
N PHE A 266 -17.18 3.32 -3.90
CA PHE A 266 -16.51 3.90 -5.04
C PHE A 266 -17.28 3.57 -6.31
N THR A 267 -16.85 4.17 -7.41
CA THR A 267 -17.35 3.85 -8.74
C THR A 267 -16.22 3.25 -9.55
N PRO A 268 -16.46 2.19 -10.31
CA PRO A 268 -15.35 1.57 -11.07
C PRO A 268 -14.68 2.57 -12.00
N THR A 269 -13.36 2.46 -12.11
CA THR A 269 -12.56 3.37 -12.88
C THR A 269 -11.64 2.58 -13.83
N PRO A 270 -11.34 3.11 -15.01
CA PRO A 270 -10.39 2.42 -15.90
C PRO A 270 -9.01 2.33 -15.27
N ILE A 271 -8.27 1.30 -15.66
CA ILE A 271 -6.95 1.08 -15.11
C ILE A 271 -6.05 2.27 -15.41
N THR A 272 -6.09 2.77 -16.63
CA THR A 272 -5.25 3.90 -17.02
C THR A 272 -5.78 4.47 -18.34
N ASP A 273 -5.04 5.45 -18.86
CA ASP A 273 -5.42 6.09 -20.09
C ASP A 273 -5.08 5.23 -21.28
N THR A 274 -5.59 5.61 -22.44
CA THR A 274 -5.35 4.83 -23.65
C THR A 274 -4.44 5.56 -24.63
N ARG A 275 -3.99 4.82 -25.64
CA ARG A 275 -3.17 5.38 -26.71
C ARG A 275 -3.57 4.70 -28.01
N LYS A 276 -3.07 5.25 -29.12
CA LYS A 276 -3.54 4.83 -30.44
C LYS A 276 -3.37 3.33 -30.65
N ASP A 277 -2.17 2.81 -30.41
CA ASP A 277 -1.93 1.38 -30.55
C ASP A 277 -0.69 1.02 -29.75
N ILE A 278 -0.42 -0.29 -29.68
CA ILE A 278 0.64 -0.80 -28.82
C ILE A 278 2.03 -0.38 -29.28
N ASN A 279 2.17 0.15 -30.49
CA ASN A 279 3.46 0.61 -30.99
C ASN A 279 3.61 2.13 -30.94
N THR A 280 2.54 2.87 -30.68
CA THR A 280 2.62 4.32 -30.66
C THR A 280 3.56 4.78 -29.56
N VAL A 281 4.54 5.60 -29.92
CA VAL A 281 5.55 6.06 -28.99
C VAL A 281 5.72 7.57 -29.10
N THR A 282 5.15 8.16 -30.15
CA THR A 282 5.24 9.59 -30.34
C THR A 282 4.25 10.32 -29.45
N THR A 283 4.40 11.64 -29.38
CA THR A 283 3.52 12.47 -28.57
C THR A 283 2.10 12.46 -29.11
N SER B 10 16.60 -32.41 -6.03
CA SER B 10 15.76 -31.40 -6.74
C SER B 10 15.00 -30.54 -5.74
N ASP B 11 14.87 -29.25 -6.06
CA ASP B 11 14.13 -28.31 -5.22
C ASP B 11 12.70 -28.10 -5.70
N ARG B 12 12.23 -28.89 -6.66
CA ARG B 12 10.87 -28.77 -7.16
C ARG B 12 9.92 -29.70 -6.44
N VAL B 13 10.38 -30.40 -5.42
CA VAL B 13 9.56 -31.27 -4.60
C VAL B 13 9.48 -30.70 -3.20
N ARG B 14 8.27 -30.73 -2.62
CA ARG B 14 8.04 -30.19 -1.29
C ARG B 14 7.10 -31.14 -0.56
N SER B 15 7.24 -31.18 0.76
CA SER B 15 6.39 -31.99 1.62
C SER B 15 6.13 -31.24 2.92
N ILE B 16 4.86 -31.18 3.33
CA ILE B 16 4.45 -30.45 4.51
C ILE B 16 3.62 -31.38 5.38
N THR B 17 3.95 -31.45 6.66
CA THR B 17 3.29 -32.33 7.62
C THR B 17 2.77 -31.51 8.79
N LEU B 18 1.45 -31.41 8.91
CA LEU B 18 0.80 -30.77 10.05
C LEU B 18 -0.19 -31.74 10.64
N GLY B 19 -0.07 -31.99 11.95
CA GLY B 19 -1.00 -32.90 12.59
C GLY B 19 -0.93 -34.28 11.97
N ASN B 20 -2.09 -34.84 11.68
CA ASN B 20 -2.20 -36.16 11.08
C ASN B 20 -2.47 -36.09 9.58
N SER B 21 -2.04 -35.02 8.91
CA SER B 21 -2.26 -34.83 7.49
C SER B 21 -0.96 -34.40 6.83
N THR B 22 -0.80 -34.79 5.56
CA THR B 22 0.40 -34.50 4.81
C THR B 22 0.05 -34.01 3.41
N ILE B 23 0.85 -33.08 2.90
CA ILE B 23 0.70 -32.55 1.56
C ILE B 23 2.00 -32.81 0.80
N THR B 24 1.88 -33.37 -0.39
CA THR B 24 3.02 -33.61 -1.26
C THR B 24 2.78 -32.98 -2.62
N THR B 25 3.78 -32.23 -3.09
CA THR B 25 3.73 -31.64 -4.42
C THR B 25 5.04 -31.97 -5.13
N GLN B 26 4.94 -32.35 -6.38
CA GLN B 26 6.09 -32.82 -7.15
C GLN B 26 6.55 -31.81 -8.19
N GLU B 27 5.77 -30.77 -8.45
CA GLU B 27 6.10 -29.71 -9.43
C GLU B 27 5.63 -28.42 -8.85
N CYS B 28 6.47 -27.68 -8.21
CA CYS B 28 6.07 -26.52 -7.44
C CYS B 28 7.21 -25.52 -7.35
N ALA B 29 6.85 -24.28 -6.99
CA ALA B 29 7.83 -23.24 -6.75
C ALA B 29 8.22 -23.23 -5.27
N ASN B 30 9.00 -22.22 -4.90
CA ASN B 30 9.44 -22.10 -3.52
C ASN B 30 8.25 -21.84 -2.60
N VAL B 31 8.53 -21.67 -1.32
CA VAL B 31 7.50 -21.32 -0.34
C VAL B 31 7.70 -19.87 0.10
N VAL B 32 6.59 -19.13 0.15
CA VAL B 32 6.60 -17.74 0.59
C VAL B 32 6.17 -17.69 2.05
N VAL B 33 6.95 -17.00 2.87
CA VAL B 33 6.70 -16.91 4.31
C VAL B 33 6.30 -15.47 4.61
N GLY B 34 5.00 -15.20 4.62
CA GLY B 34 4.45 -13.95 5.10
C GLY B 34 5.30 -12.74 4.80
N TYR B 35 5.66 -12.00 5.85
CA TYR B 35 6.59 -10.88 5.76
C TYR B 35 7.96 -11.25 6.31
N GLY B 36 8.39 -12.48 6.07
CA GLY B 36 9.61 -12.98 6.65
C GLY B 36 9.47 -13.51 8.07
N ARG B 37 8.26 -13.56 8.61
CA ARG B 37 8.03 -13.97 9.99
C ARG B 37 7.29 -15.31 10.01
N TRP B 38 7.75 -16.21 10.83
CA TRP B 38 7.12 -17.51 11.00
C TRP B 38 6.09 -17.44 12.12
N PRO B 39 4.98 -18.18 12.03
CA PRO B 39 3.99 -18.15 13.10
C PRO B 39 4.59 -18.62 14.43
N THR B 40 4.11 -18.02 15.52
CA THR B 40 4.62 -18.35 16.84
C THR B 40 3.55 -18.03 17.89
N TYR B 41 3.74 -18.59 19.08
CA TYR B 41 2.80 -18.36 20.17
C TYR B 41 3.00 -16.97 20.77
N LEU B 42 1.98 -16.50 21.47
CA LEU B 42 2.03 -15.19 22.10
C LEU B 42 2.95 -15.21 23.32
N ARG B 43 3.76 -14.17 23.44
CA ARG B 43 4.74 -14.09 24.51
C ARG B 43 4.11 -13.57 25.81
N ASP B 44 4.83 -13.74 26.91
CA ASP B 44 4.31 -13.32 28.21
C ASP B 44 4.31 -11.80 28.35
N ASP B 45 5.22 -11.11 27.67
CA ASP B 45 5.34 -9.67 27.81
C ASP B 45 4.49 -8.90 26.80
N GLU B 46 3.70 -9.59 25.99
CA GLU B 46 2.75 -8.94 25.09
C GLU B 46 1.31 -9.30 25.36
N ALA B 47 1.04 -10.30 26.19
CA ALA B 47 -0.33 -10.71 26.45
C ALA B 47 -1.04 -9.65 27.28
N THR B 48 -2.38 -9.69 27.24
CA THR B 48 -3.20 -8.80 28.04
C THR B 48 -4.22 -9.59 28.85
N ALA B 49 -4.78 -10.64 28.27
CA ALA B 49 -5.72 -11.49 28.99
C ALA B 49 -4.98 -12.29 30.04
N GLU B 50 -5.63 -12.52 31.18
CA GLU B 50 -4.95 -13.08 32.34
C GLU B 50 -5.13 -14.59 32.48
N ASP B 51 -6.29 -15.12 32.13
CA ASP B 51 -6.55 -16.54 32.33
C ASP B 51 -5.72 -17.40 31.39
N GLN B 52 -5.53 -18.65 31.77
CA GLN B 52 -4.68 -19.57 31.03
C GLN B 52 -5.26 -19.82 29.64
N PRO B 53 -4.46 -19.74 28.57
CA PRO B 53 -4.97 -20.13 27.25
C PRO B 53 -5.07 -21.65 27.12
N THR B 54 -5.83 -22.06 26.12
CA THR B 54 -5.89 -23.46 25.72
C THR B 54 -5.24 -23.62 24.36
N GLN B 55 -4.43 -24.66 24.21
CA GLN B 55 -3.64 -24.91 22.99
C GLN B 55 -3.94 -26.32 22.51
N PRO B 56 -4.99 -26.52 21.71
CA PRO B 56 -5.34 -27.88 21.29
C PRO B 56 -4.24 -28.57 20.51
N ASP B 57 -3.35 -27.83 19.85
CA ASP B 57 -2.26 -28.42 19.09
C ASP B 57 -2.79 -29.25 17.93
N VAL B 58 -2.43 -30.53 17.87
CA VAL B 58 -2.72 -31.34 16.69
C VAL B 58 -4.20 -31.43 16.38
N ALA B 59 -5.07 -31.23 17.38
CA ALA B 59 -6.50 -31.34 17.14
C ALA B 59 -6.99 -30.27 16.18
N THR B 60 -6.33 -29.12 16.14
CA THR B 60 -6.77 -27.99 15.32
C THR B 60 -5.78 -27.61 14.24
N CYS B 61 -4.48 -27.81 14.46
CA CYS B 61 -3.45 -27.44 13.50
C CYS B 61 -3.27 -28.59 12.51
N ARG B 62 -4.11 -28.59 11.48
CA ARG B 62 -4.09 -29.63 10.47
C ARG B 62 -4.73 -29.10 9.19
N PHE B 63 -4.47 -29.79 8.10
CA PHE B 63 -4.94 -29.34 6.79
C PHE B 63 -6.43 -29.65 6.62
N TYR B 64 -7.19 -28.64 6.20
CA TYR B 64 -8.60 -28.80 5.85
C TYR B 64 -8.80 -28.43 4.39
N THR B 65 -9.52 -29.27 3.65
CA THR B 65 -9.77 -29.05 2.24
C THR B 65 -11.04 -28.24 2.07
N LEU B 66 -10.94 -27.09 1.41
CA LEU B 66 -12.01 -26.10 1.36
C LEU B 66 -12.86 -26.21 0.10
N ASP B 67 -13.43 -27.39 -0.19
CA ASP B 67 -14.33 -27.54 -1.33
C ASP B 67 -13.58 -27.20 -2.62
N SER B 68 -14.25 -27.25 -3.77
CA SER B 68 -13.56 -27.10 -5.04
C SER B 68 -14.41 -26.30 -6.02
N ILE B 69 -13.74 -25.72 -7.03
CA ILE B 69 -14.38 -24.88 -8.03
C ILE B 69 -13.85 -25.25 -9.41
N LYS B 70 -14.52 -24.75 -10.43
CA LYS B 70 -14.18 -25.03 -11.82
C LYS B 70 -13.55 -23.79 -12.46
N TRP B 71 -12.45 -23.97 -13.16
CA TRP B 71 -11.84 -22.91 -13.96
C TRP B 71 -12.29 -23.06 -15.40
N GLU B 72 -13.10 -22.12 -15.87
CA GLU B 72 -13.58 -22.12 -17.25
C GLU B 72 -12.83 -21.06 -18.05
N LYS B 73 -13.07 -21.07 -19.36
CA LYS B 73 -12.47 -20.06 -20.23
C LYS B 73 -12.96 -18.66 -19.90
N GLY B 74 -14.16 -18.53 -19.32
CA GLY B 74 -14.73 -17.25 -18.99
C GLY B 74 -14.68 -16.86 -17.53
N SER B 75 -13.92 -17.58 -16.70
CA SER B 75 -13.84 -17.24 -15.29
C SER B 75 -13.11 -15.91 -15.10
N VAL B 76 -13.45 -15.22 -14.01
CA VAL B 76 -12.91 -13.89 -13.75
C VAL B 76 -12.15 -13.84 -12.44
N GLY B 77 -12.54 -14.68 -11.48
CA GLY B 77 -11.85 -14.71 -10.20
C GLY B 77 -12.75 -15.06 -9.03
N TRP B 78 -12.15 -15.34 -7.87
CA TRP B 78 -12.89 -15.73 -6.68
C TRP B 78 -12.17 -15.19 -5.45
N TRP B 79 -12.89 -15.13 -4.32
CA TRP B 79 -12.26 -14.77 -3.06
C TRP B 79 -12.90 -15.55 -1.91
N TRP B 80 -12.11 -15.77 -0.86
CA TRP B 80 -12.55 -16.39 0.38
C TRP B 80 -12.13 -15.49 1.54
N LYS B 81 -12.97 -15.41 2.56
CA LYS B 81 -12.66 -14.63 3.75
C LYS B 81 -12.38 -15.55 4.93
N PHE B 82 -11.26 -15.30 5.62
CA PHE B 82 -10.84 -16.11 6.75
C PHE B 82 -10.88 -15.29 8.03
N PRO B 83 -11.06 -15.93 9.19
CA PRO B 83 -11.24 -17.37 9.39
C PRO B 83 -12.69 -17.85 9.23
N GLU B 84 -13.57 -16.99 8.69
CA GLU B 84 -14.96 -17.39 8.48
C GLU B 84 -15.06 -18.64 7.61
N ALA B 85 -14.15 -18.79 6.64
CA ALA B 85 -14.22 -19.94 5.75
C ALA B 85 -14.09 -21.26 6.49
N LEU B 86 -13.42 -21.27 7.64
CA LEU B 86 -13.26 -22.47 8.44
C LEU B 86 -14.18 -22.49 9.66
N SER B 87 -15.21 -21.66 9.67
CA SER B 87 -16.02 -21.49 10.87
C SER B 87 -16.73 -22.76 11.29
N ASP B 88 -16.94 -23.70 10.36
CA ASP B 88 -17.67 -24.93 10.66
C ASP B 88 -16.89 -26.15 10.19
N MET B 89 -15.61 -26.22 10.55
CA MET B 89 -14.69 -27.22 10.03
C MET B 89 -13.96 -27.89 11.19
N GLY B 90 -14.36 -29.10 11.54
CA GLY B 90 -13.68 -29.87 12.56
C GLY B 90 -13.76 -29.23 13.93
N LEU B 91 -12.72 -29.46 14.74
CA LEU B 91 -12.65 -28.88 16.06
C LEU B 91 -12.21 -27.41 16.04
N PHE B 92 -11.64 -26.94 14.93
CA PHE B 92 -11.34 -25.53 14.81
C PHE B 92 -12.61 -24.69 14.94
N GLY B 93 -13.68 -25.12 14.25
CA GLY B 93 -14.94 -24.42 14.37
C GLY B 93 -15.51 -24.48 15.78
N GLN B 94 -15.40 -25.62 16.45
CA GLN B 94 -15.90 -25.72 17.82
C GLN B 94 -15.16 -24.77 18.75
N ASN B 95 -13.84 -24.74 18.65
CA ASN B 95 -13.06 -23.83 19.49
C ASN B 95 -13.40 -22.38 19.17
N MET B 96 -13.64 -22.07 17.89
CA MET B 96 -14.08 -20.72 17.53
C MET B 96 -15.41 -20.40 18.20
N GLN B 97 -16.35 -21.35 18.20
CA GLN B 97 -17.67 -21.09 18.77
C GLN B 97 -17.60 -20.90 20.28
N TYR B 98 -16.79 -21.69 20.97
CA TYR B 98 -16.86 -21.71 22.42
C TYR B 98 -15.98 -20.67 23.11
N HIS B 99 -15.12 -19.98 22.38
CA HIS B 99 -14.16 -19.06 22.98
C HIS B 99 -14.40 -17.62 22.52
N TYR B 100 -14.06 -16.69 23.42
CA TYR B 100 -14.23 -15.27 23.12
C TYR B 100 -13.11 -14.75 22.23
N LEU B 101 -11.87 -15.21 22.44
CA LEU B 101 -10.70 -14.71 21.74
C LEU B 101 -9.97 -15.84 21.04
N GLY B 102 -9.27 -15.50 19.96
CA GLY B 102 -8.51 -16.47 19.20
C GLY B 102 -7.30 -15.84 18.55
N ARG B 103 -6.38 -16.69 18.11
CA ARG B 103 -5.13 -16.24 17.53
C ARG B 103 -4.48 -17.41 16.82
N ALA B 104 -4.13 -17.25 15.55
CA ALA B 104 -3.52 -18.34 14.81
C ALA B 104 -2.98 -17.85 13.48
N GLY B 105 -1.86 -18.45 13.06
CA GLY B 105 -1.37 -18.30 11.71
C GLY B 105 -1.90 -19.39 10.80
N TYR B 106 -1.61 -19.27 9.51
CA TYR B 106 -2.20 -20.16 8.53
C TYR B 106 -1.19 -20.55 7.46
N THR B 107 -1.37 -21.74 6.91
CA THR B 107 -0.66 -22.21 5.73
C THR B 107 -1.68 -22.47 4.63
N ILE B 108 -1.53 -21.78 3.50
CA ILE B 108 -2.49 -21.84 2.40
C ILE B 108 -1.82 -22.55 1.24
N HIS B 109 -2.47 -23.60 0.74
CA HIS B 109 -1.99 -24.37 -0.40
C HIS B 109 -3.08 -24.43 -1.45
N VAL B 110 -2.77 -24.01 -2.67
CA VAL B 110 -3.73 -23.99 -3.77
C VAL B 110 -3.23 -24.95 -4.84
N GLN B 111 -4.07 -25.92 -5.20
CA GLN B 111 -3.74 -26.92 -6.19
C GLN B 111 -4.42 -26.61 -7.51
N CYS B 112 -3.68 -26.70 -8.60
CA CYS B 112 -4.25 -26.57 -9.94
C CYS B 112 -3.27 -27.22 -10.91
N ASN B 113 -3.71 -28.27 -11.59
CA ASN B 113 -2.85 -29.03 -12.49
C ASN B 113 -3.50 -29.14 -13.86
N ALA B 114 -2.66 -29.10 -14.89
CA ALA B 114 -3.12 -29.22 -16.26
C ALA B 114 -1.98 -29.76 -17.11
N SER B 115 -2.32 -30.25 -18.30
CA SER B 115 -1.35 -30.86 -19.17
C SER B 115 -0.35 -29.82 -19.68
N LYS B 116 0.61 -30.30 -20.49
CA LYS B 116 1.60 -29.42 -21.08
C LYS B 116 1.05 -28.61 -22.24
N PHE B 117 -0.15 -28.94 -22.71
CA PHE B 117 -0.75 -28.25 -23.85
C PHE B 117 -1.75 -27.17 -23.45
N HIS B 118 -1.97 -26.96 -22.15
CA HIS B 118 -2.82 -25.87 -21.68
C HIS B 118 -1.97 -24.64 -21.40
N GLN B 119 -2.65 -23.50 -21.28
CA GLN B 119 -1.99 -22.25 -20.92
C GLN B 119 -2.89 -21.42 -20.03
N GLY B 120 -2.28 -20.62 -19.17
CA GLY B 120 -3.00 -19.78 -18.24
C GLY B 120 -2.14 -19.43 -17.05
N CYS B 121 -2.56 -18.39 -16.33
CA CYS B 121 -1.80 -17.90 -15.19
C CYS B 121 -2.77 -17.40 -14.13
N LEU B 122 -2.51 -17.74 -12.88
CA LEU B 122 -3.32 -17.33 -11.74
C LEU B 122 -2.47 -16.55 -10.76
N LEU B 123 -3.07 -15.53 -10.14
CA LEU B 123 -2.43 -14.83 -9.03
C LEU B 123 -3.07 -15.26 -7.72
N VAL B 124 -2.25 -15.72 -6.79
CA VAL B 124 -2.71 -16.12 -5.46
C VAL B 124 -2.12 -15.13 -4.47
N VAL B 125 -2.98 -14.43 -3.74
CA VAL B 125 -2.55 -13.34 -2.85
C VAL B 125 -3.42 -13.34 -1.61
N CYS B 126 -2.80 -13.04 -0.46
CA CYS B 126 -3.50 -12.91 0.82
C CYS B 126 -3.51 -11.43 1.20
N VAL B 127 -4.71 -10.87 1.34
CA VAL B 127 -4.88 -9.44 1.56
C VAL B 127 -5.33 -9.24 3.00
N PRO B 128 -4.50 -8.68 3.88
CA PRO B 128 -4.97 -8.39 5.24
C PRO B 128 -5.84 -7.14 5.28
N GLU B 129 -6.95 -7.22 6.02
CA GLU B 129 -7.90 -6.12 6.16
C GLU B 129 -8.43 -5.68 4.80
N ALA B 130 -9.04 -6.62 4.08
CA ALA B 130 -9.57 -6.35 2.75
C ALA B 130 -11.00 -5.81 2.84
N GLU B 131 -11.11 -4.59 3.34
CA GLU B 131 -12.40 -3.94 3.45
C GLU B 131 -12.94 -3.63 2.06
N MET B 132 -14.22 -3.93 1.84
CA MET B 132 -14.83 -3.85 0.52
C MET B 132 -15.99 -2.86 0.53
N GLY B 133 -16.25 -2.27 -0.63
CA GLY B 133 -17.32 -1.30 -0.76
C GLY B 133 -18.56 -1.87 -1.42
N GLY B 134 -19.70 -1.23 -1.15
CA GLY B 134 -20.96 -1.71 -1.67
C GLY B 134 -21.18 -1.36 -3.12
N ALA B 135 -22.09 -2.09 -3.75
CA ALA B 135 -22.37 -1.86 -5.17
C ALA B 135 -22.93 -0.47 -5.41
N VAL B 136 -23.84 -0.01 -4.56
CA VAL B 136 -24.41 1.33 -4.66
C VAL B 136 -23.82 2.19 -3.55
N VAL B 137 -23.24 3.32 -3.94
CA VAL B 137 -22.61 4.20 -2.96
C VAL B 137 -23.60 4.54 -1.87
N GLY B 138 -23.13 4.48 -0.63
CA GLY B 138 -24.05 4.58 0.49
C GLY B 138 -24.67 3.22 0.74
N GLN B 139 -25.94 3.21 1.14
CA GLN B 139 -26.66 1.96 1.39
C GLN B 139 -25.86 1.08 2.35
N ALA B 140 -26.22 -0.20 2.41
CA ALA B 140 -25.49 -1.15 3.25
C ALA B 140 -25.84 -2.55 2.79
N PHE B 141 -24.99 -3.49 3.19
CA PHE B 141 -25.18 -4.90 2.84
C PHE B 141 -24.96 -5.74 4.08
N SER B 142 -25.61 -6.91 4.11
CA SER B 142 -25.50 -7.83 5.22
C SER B 142 -24.24 -8.68 5.09
N ALA B 143 -23.95 -9.44 6.14
CA ALA B 143 -22.76 -10.28 6.15
C ALA B 143 -23.03 -11.60 5.42
N THR B 144 -23.61 -11.51 4.23
CA THR B 144 -23.86 -12.68 3.41
C THR B 144 -23.43 -12.40 1.98
N ALA B 145 -23.17 -11.13 1.68
CA ALA B 145 -22.70 -10.75 0.35
C ALA B 145 -21.22 -11.01 0.18
N MET B 146 -20.49 -11.34 1.24
CA MET B 146 -19.06 -11.52 1.12
C MET B 146 -18.52 -12.68 1.97
N ALA B 147 -19.37 -13.34 2.74
CA ALA B 147 -18.92 -14.49 3.52
C ALA B 147 -20.11 -15.33 3.95
N ASN B 148 -20.17 -16.56 3.45
CA ASN B 148 -21.23 -17.48 3.82
C ASN B 148 -20.66 -18.88 4.05
N GLY B 149 -19.55 -18.97 4.76
CA GLY B 149 -18.92 -20.26 4.97
C GLY B 149 -17.76 -20.48 4.01
N ASP B 150 -17.57 -21.74 3.62
CA ASP B 150 -16.48 -22.10 2.73
C ASP B 150 -16.81 -21.85 1.25
N LYS B 151 -18.03 -21.47 0.92
CA LYS B 151 -18.38 -21.23 -0.47
C LYS B 151 -17.57 -20.05 -1.01
N ALA B 152 -17.19 -20.15 -2.29
CA ALA B 152 -16.40 -19.11 -2.92
C ALA B 152 -17.30 -18.08 -3.58
N TYR B 153 -16.88 -16.82 -3.55
CA TYR B 153 -17.61 -15.72 -4.15
C TYR B 153 -16.87 -15.28 -5.42
N GLU B 154 -17.64 -14.96 -6.45
CA GLU B 154 -17.10 -14.71 -7.79
C GLU B 154 -17.04 -13.23 -8.09
N PHE B 155 -15.93 -12.79 -8.65
CA PHE B 155 -15.85 -11.44 -9.20
C PHE B 155 -16.64 -11.36 -10.49
N THR B 156 -16.83 -10.13 -10.97
CA THR B 156 -17.63 -9.86 -12.16
C THR B 156 -16.83 -9.00 -13.13
N SER B 157 -17.00 -9.27 -14.42
CA SER B 157 -16.32 -8.47 -15.43
C SER B 157 -16.95 -7.08 -15.54
N ALA B 158 -18.27 -7.02 -15.57
CA ALA B 158 -18.97 -5.75 -15.66
C ALA B 158 -19.24 -5.19 -14.26
N THR B 159 -19.58 -3.90 -14.22
CA THR B 159 -19.85 -3.25 -12.95
C THR B 159 -21.10 -3.82 -12.31
N GLN B 160 -21.02 -4.07 -11.01
CA GLN B 160 -22.16 -4.62 -10.28
C GLN B 160 -23.27 -3.58 -10.18
N SER B 161 -24.51 -4.07 -10.19
CA SER B 161 -25.68 -3.20 -10.12
C SER B 161 -26.62 -3.51 -8.97
N ASP B 162 -26.66 -4.75 -8.49
CA ASP B 162 -27.53 -5.12 -7.39
C ASP B 162 -27.05 -4.45 -6.11
N GLN B 163 -27.96 -3.76 -5.42
CA GLN B 163 -27.56 -3.01 -4.22
C GLN B 163 -27.32 -3.91 -3.02
N THR B 164 -27.71 -5.17 -3.09
CA THR B 164 -27.61 -6.06 -1.94
C THR B 164 -26.26 -6.76 -1.85
N LYS B 165 -25.33 -6.50 -2.76
CA LYS B 165 -24.06 -7.20 -2.78
C LYS B 165 -22.92 -6.23 -3.04
N VAL B 166 -21.70 -6.75 -2.93
CA VAL B 166 -20.51 -5.92 -3.04
C VAL B 166 -20.24 -5.58 -4.50
N GLN B 167 -19.48 -4.50 -4.70
CA GLN B 167 -19.02 -4.09 -6.03
C GLN B 167 -17.96 -5.10 -6.48
N THR B 168 -18.34 -5.96 -7.42
CA THR B 168 -17.49 -7.07 -7.82
C THR B 168 -16.66 -6.79 -9.06
N ALA B 169 -16.57 -5.55 -9.52
CA ALA B 169 -15.75 -5.22 -10.68
C ALA B 169 -14.33 -5.73 -10.46
N ILE B 170 -13.88 -6.61 -11.36
CA ILE B 170 -12.61 -7.30 -11.14
C ILE B 170 -11.45 -6.34 -11.19
N HIS B 171 -11.45 -5.40 -12.13
CA HIS B 171 -10.26 -4.58 -12.33
C HIS B 171 -9.99 -3.63 -11.17
N ASN B 172 -10.91 -3.49 -10.23
CA ASN B 172 -10.69 -2.71 -9.02
C ASN B 172 -10.52 -3.59 -7.79
N ALA B 173 -10.72 -4.90 -7.91
CA ALA B 173 -10.54 -5.83 -6.80
C ALA B 173 -11.49 -5.55 -5.64
N GLY B 174 -12.56 -4.81 -5.89
CA GLY B 174 -13.53 -4.53 -4.86
C GLY B 174 -13.03 -3.65 -3.74
N MET B 175 -11.86 -3.04 -3.90
CA MET B 175 -11.28 -2.19 -2.87
C MET B 175 -10.96 -0.78 -3.37
N GLY B 176 -11.27 -0.45 -4.62
CA GLY B 176 -10.96 0.85 -5.15
C GLY B 176 -9.51 1.05 -5.53
N VAL B 177 -8.77 -0.02 -5.77
CA VAL B 177 -7.35 0.05 -6.09
C VAL B 177 -7.10 -0.70 -7.40
N GLY B 178 -5.98 -0.40 -8.03
CA GLY B 178 -5.61 -1.09 -9.25
C GLY B 178 -5.33 -2.55 -8.98
N VAL B 179 -5.95 -3.44 -9.76
CA VAL B 179 -5.77 -4.88 -9.55
C VAL B 179 -4.32 -5.28 -9.78
N GLY B 180 -3.60 -4.54 -10.61
CA GLY B 180 -2.23 -4.89 -10.92
C GLY B 180 -1.23 -4.64 -9.80
N ASN B 181 -1.63 -3.90 -8.77
CA ASN B 181 -0.74 -3.56 -7.67
C ASN B 181 -0.86 -4.49 -6.48
N LEU B 182 -1.68 -5.54 -6.58
CA LEU B 182 -1.81 -6.49 -5.47
C LEU B 182 -0.53 -7.27 -5.22
N THR B 183 0.50 -7.08 -6.05
CA THR B 183 1.78 -7.74 -5.85
C THR B 183 2.46 -7.32 -4.56
N ILE B 184 2.03 -6.21 -3.95
CA ILE B 184 2.66 -5.75 -2.72
C ILE B 184 2.40 -6.69 -1.54
N TYR B 185 1.27 -7.38 -1.53
CA TYR B 185 0.94 -8.33 -0.48
C TYR B 185 1.67 -9.64 -0.70
N PRO B 186 1.75 -10.51 0.32
CA PRO B 186 2.31 -11.84 0.10
C PRO B 186 1.52 -12.59 -0.95
N HIS B 187 2.23 -13.11 -1.95
CA HIS B 187 1.57 -13.63 -3.13
C HIS B 187 2.43 -14.68 -3.80
N GLN B 188 1.84 -15.36 -4.78
CA GLN B 188 2.54 -16.30 -5.63
C GLN B 188 1.73 -16.50 -6.89
N TRP B 189 2.39 -16.96 -7.95
CA TRP B 189 1.76 -17.18 -9.23
C TRP B 189 1.71 -18.67 -9.55
N ILE B 190 0.62 -19.09 -10.18
CA ILE B 190 0.49 -20.44 -10.72
C ILE B 190 0.47 -20.31 -12.25
N ASN B 191 1.61 -20.58 -12.87
CA ASN B 191 1.75 -20.56 -14.32
C ASN B 191 1.81 -22.00 -14.80
N LEU B 192 0.85 -22.39 -15.61
CA LEU B 192 0.72 -23.78 -16.02
C LEU B 192 1.90 -24.37 -16.75
N ARG B 193 2.77 -23.53 -17.27
CA ARG B 193 3.94 -24.04 -17.92
C ARG B 193 4.88 -24.55 -16.91
N THR B 194 4.95 -23.91 -15.77
CA THR B 194 5.95 -24.26 -14.79
C THR B 194 5.50 -24.97 -13.53
N ASN B 195 4.48 -24.49 -12.83
CA ASN B 195 4.12 -25.09 -11.56
C ASN B 195 2.66 -25.40 -11.46
N ASN B 196 2.31 -26.22 -10.47
CA ASN B 196 0.93 -26.60 -10.28
C ASN B 196 0.43 -26.33 -8.88
N SER B 197 1.23 -25.68 -8.05
CA SER B 197 0.78 -25.31 -6.74
C SER B 197 1.38 -24.04 -6.23
N ALA B 198 0.82 -23.53 -5.15
CA ALA B 198 1.32 -22.31 -4.55
C ALA B 198 1.17 -22.45 -3.08
N THR B 199 2.16 -22.01 -2.33
CA THR B 199 2.16 -22.17 -0.87
C THR B 199 2.53 -20.86 -0.23
N ILE B 200 1.71 -20.40 0.72
CA ILE B 200 1.94 -19.17 1.45
C ILE B 200 1.75 -19.45 2.94
N VAL B 201 2.69 -18.98 3.75
CA VAL B 201 2.59 -19.06 5.21
C VAL B 201 2.33 -17.66 5.73
N MET B 202 1.19 -17.47 6.39
CA MET B 202 0.77 -16.17 6.89
C MET B 202 0.89 -16.12 8.41
N PRO B 203 1.69 -15.25 8.99
CA PRO B 203 1.65 -15.06 10.44
C PRO B 203 0.40 -14.30 10.84
N TYR B 204 0.17 -14.23 12.15
CA TYR B 204 -0.96 -13.48 12.66
C TYR B 204 -0.64 -11.99 12.61
N ILE B 205 -1.46 -11.25 11.86
CA ILE B 205 -1.26 -9.81 11.67
C ILE B 205 -2.50 -9.10 12.17
N ASN B 206 -2.33 -8.22 13.15
CA ASN B 206 -3.43 -7.44 13.70
C ASN B 206 -2.84 -6.33 14.55
N SER B 207 -3.69 -5.38 14.94
CA SER B 207 -3.27 -4.30 15.80
C SER B 207 -3.45 -4.61 17.28
N VAL B 208 -3.98 -5.78 17.62
CA VAL B 208 -4.16 -6.18 19.01
C VAL B 208 -3.69 -7.61 19.18
N PRO B 209 -3.28 -8.03 20.38
CA PRO B 209 -2.73 -9.40 20.52
C PRO B 209 -3.70 -10.49 20.14
N MET B 210 -4.99 -10.33 20.43
CA MET B 210 -6.00 -11.33 20.11
C MET B 210 -7.25 -10.61 19.63
N ASP B 211 -8.15 -11.36 19.00
CA ASP B 211 -9.40 -10.79 18.53
C ASP B 211 -10.43 -11.88 18.38
N ASN B 212 -11.69 -11.48 18.38
CA ASN B 212 -12.79 -12.43 18.22
C ASN B 212 -12.81 -12.91 16.77
N MET B 213 -12.88 -14.22 16.58
CA MET B 213 -12.73 -14.81 15.25
C MET B 213 -14.01 -14.74 14.42
N PHE B 214 -15.15 -14.44 15.03
CA PHE B 214 -16.39 -14.32 14.28
C PHE B 214 -16.65 -12.89 13.83
N ARG B 215 -16.26 -11.92 14.64
CA ARG B 215 -16.58 -10.53 14.34
C ARG B 215 -15.64 -9.93 13.29
N HIS B 216 -14.41 -10.42 13.21
CA HIS B 216 -13.36 -9.78 12.44
C HIS B 216 -12.78 -10.75 11.42
N TYR B 217 -12.63 -10.29 10.18
CA TYR B 217 -11.99 -11.05 9.12
C TYR B 217 -10.52 -10.66 9.07
N ASN B 218 -9.64 -11.61 9.42
CA ASN B 218 -8.22 -11.28 9.48
C ASN B 218 -7.66 -10.96 8.10
N PHE B 219 -7.92 -11.81 7.12
CA PHE B 219 -7.39 -11.61 5.79
C PHE B 219 -8.28 -12.31 4.78
N THR B 220 -8.09 -11.95 3.51
CA THR B 220 -8.89 -12.45 2.40
C THR B 220 -7.99 -13.10 1.36
N LEU B 221 -8.38 -14.28 0.89
CA LEU B 221 -7.63 -14.96 -0.15
C LEU B 221 -8.30 -14.72 -1.49
N MET B 222 -7.52 -14.32 -2.49
CA MET B 222 -8.01 -14.03 -3.82
C MET B 222 -7.26 -14.86 -4.84
N VAL B 223 -7.99 -15.39 -5.82
CA VAL B 223 -7.41 -16.10 -6.97
C VAL B 223 -7.96 -15.44 -8.22
N ILE B 224 -7.05 -14.90 -9.05
CA ILE B 224 -7.46 -14.08 -10.19
C ILE B 224 -6.74 -14.56 -11.45
N PRO B 225 -7.46 -14.97 -12.50
CA PRO B 225 -6.78 -15.31 -13.76
C PRO B 225 -6.35 -14.10 -14.56
N PHE B 226 -5.06 -13.80 -14.57
CA PHE B 226 -4.56 -12.69 -15.38
C PHE B 226 -4.51 -13.07 -16.85
N VAL B 227 -4.08 -14.29 -17.16
CA VAL B 227 -4.08 -14.82 -18.52
C VAL B 227 -5.12 -15.93 -18.56
N LYS B 228 -6.19 -15.72 -19.33
CA LYS B 228 -7.31 -16.64 -19.30
C LYS B 228 -6.92 -18.01 -19.85
N LEU B 229 -7.62 -19.03 -19.37
CA LEU B 229 -7.34 -20.40 -19.77
C LEU B 229 -7.62 -20.59 -21.25
N ASP B 230 -6.82 -21.43 -21.90
CA ASP B 230 -7.03 -21.75 -23.31
C ASP B 230 -6.49 -23.13 -23.60
N TYR B 231 -7.12 -23.79 -24.56
CA TYR B 231 -6.75 -25.15 -24.98
C TYR B 231 -7.46 -25.44 -26.29
N ALA B 232 -7.08 -26.53 -26.93
CA ALA B 232 -7.67 -26.90 -28.21
C ALA B 232 -7.65 -28.42 -28.38
N ASP B 233 -8.77 -28.95 -28.86
CA ASP B 233 -8.88 -30.35 -29.27
C ASP B 233 -8.50 -31.28 -28.12
N THR B 234 -9.28 -31.23 -27.05
CA THR B 234 -9.10 -32.12 -25.92
C THR B 234 -10.45 -32.39 -25.27
N ALA B 235 -10.53 -33.50 -24.53
CA ALA B 235 -11.79 -33.88 -23.89
C ALA B 235 -11.96 -33.26 -22.51
N SER B 236 -10.92 -32.61 -21.98
CA SER B 236 -11.01 -31.94 -20.68
C SER B 236 -11.57 -30.55 -20.89
N THR B 237 -12.76 -30.31 -20.35
CA THR B 237 -13.46 -29.05 -20.58
C THR B 237 -13.16 -27.99 -19.52
N TYR B 238 -12.74 -28.39 -18.33
CA TYR B 238 -12.47 -27.45 -17.25
C TYR B 238 -11.32 -27.95 -16.40
N VAL B 239 -10.71 -27.03 -15.67
CA VAL B 239 -9.56 -27.31 -14.82
C VAL B 239 -9.96 -27.02 -13.38
N PRO B 240 -10.20 -28.03 -12.54
CA PRO B 240 -10.60 -27.75 -11.16
C PRO B 240 -9.50 -27.06 -10.38
N ILE B 241 -9.91 -26.23 -9.42
CA ILE B 241 -9.01 -25.56 -8.49
C ILE B 241 -9.44 -25.90 -7.08
N THR B 242 -8.49 -26.28 -6.23
CA THR B 242 -8.77 -26.67 -4.85
C THR B 242 -7.90 -25.87 -3.90
N VAL B 243 -8.44 -25.57 -2.73
CA VAL B 243 -7.75 -24.77 -1.71
C VAL B 243 -7.70 -25.57 -0.42
N THR B 244 -6.52 -25.62 0.19
CA THR B 244 -6.30 -26.31 1.46
C THR B 244 -5.65 -25.35 2.43
N VAL B 245 -6.11 -25.36 3.68
CA VAL B 245 -5.65 -24.42 4.70
C VAL B 245 -5.42 -25.17 6.00
N ALA B 246 -4.38 -24.78 6.73
CA ALA B 246 -4.03 -25.40 8.00
C ALA B 246 -3.68 -24.34 9.03
N PRO B 247 -4.47 -24.16 10.10
CA PRO B 247 -4.06 -23.23 11.15
C PRO B 247 -2.76 -23.66 11.82
N MET B 248 -2.00 -22.68 12.28
CA MET B 248 -0.72 -22.94 12.92
C MET B 248 -0.64 -22.18 14.23
N CYS B 249 -0.13 -22.84 15.27
CA CYS B 249 0.07 -22.22 16.58
C CYS B 249 -1.20 -21.55 17.08
N ALA B 250 -2.33 -22.25 16.97
CA ALA B 250 -3.61 -21.68 17.38
C ALA B 250 -3.76 -21.76 18.89
N GLU B 251 -4.32 -20.71 19.49
CA GLU B 251 -4.65 -20.72 20.91
C GLU B 251 -5.87 -19.83 21.14
N TYR B 252 -6.63 -20.15 22.18
CA TYR B 252 -7.91 -19.52 22.43
C TYR B 252 -8.00 -19.09 23.87
N ASN B 253 -8.99 -18.23 24.16
CA ASN B 253 -9.14 -17.67 25.50
C ASN B 253 -10.58 -17.23 25.69
N GLY B 254 -11.03 -17.25 26.94
CA GLY B 254 -12.36 -16.76 27.27
C GLY B 254 -13.51 -17.70 26.99
N LEU B 255 -13.56 -18.82 27.70
CA LEU B 255 -14.60 -19.82 27.48
C LEU B 255 -15.96 -19.29 27.91
N ARG B 256 -16.97 -19.58 27.12
CA ARG B 256 -18.29 -19.19 27.48
C ARG B 256 -19.24 -20.09 26.79
N LEU B 257 -20.51 -19.81 26.90
CA LEU B 257 -21.50 -20.58 26.20
C LEU B 257 -21.18 -20.49 24.76
N ALA B 258 -21.57 -21.49 24.00
CA ALA B 258 -21.23 -21.53 22.59
C ALA B 258 -22.01 -20.57 21.75
N GLN B 259 -21.84 -20.67 20.44
CA GLN B 259 -22.47 -19.75 19.49
C GLN B 259 -21.65 -18.51 19.56
N ALA B 260 -21.80 -17.67 18.57
CA ALA B 260 -21.01 -16.47 18.51
C ALA B 260 -21.56 -15.54 17.46
N GLY C 1 14.48 41.82 32.12
CA GLY C 1 15.12 40.48 31.96
C GLY C 1 16.22 40.48 30.92
N LEU C 2 16.40 39.35 30.26
CA LEU C 2 17.44 39.24 29.25
C LEU C 2 17.04 40.01 28.00
N PRO C 3 17.82 41.00 27.56
CA PRO C 3 17.47 41.72 26.32
C PRO C 3 17.44 40.78 25.13
N THR C 4 16.48 41.00 24.23
CA THR C 4 16.32 40.20 23.03
C THR C 4 15.68 41.05 21.94
N MET C 5 15.79 40.59 20.71
CA MET C 5 15.12 41.25 19.58
C MET C 5 14.66 40.19 18.59
N ASN C 6 13.43 40.34 18.11
CA ASN C 6 12.83 39.38 17.19
C ASN C 6 13.34 39.62 15.78
N THR C 7 13.58 38.54 15.06
CA THR C 7 14.04 38.57 13.69
C THR C 7 12.91 38.22 12.73
N PRO C 8 13.10 38.43 11.44
CA PRO C 8 12.04 38.08 10.48
C PRO C 8 11.67 36.60 10.57
N GLY C 9 10.38 36.34 10.39
CA GLY C 9 9.86 34.99 10.53
C GLY C 9 9.18 34.70 11.84
N SER C 10 9.11 35.68 12.73
CA SER C 10 8.41 35.49 13.99
C SER C 10 6.93 35.26 13.78
N THR C 11 6.31 34.46 14.63
CA THR C 11 4.86 34.21 14.56
C THR C 11 4.34 33.62 13.25
N GLN C 12 5.23 33.23 12.34
CA GLN C 12 4.77 32.58 11.12
C GLN C 12 4.51 31.10 11.37
N PHE C 13 3.66 30.52 10.53
CA PHE C 13 3.34 29.10 10.59
C PHE C 13 3.82 28.45 9.30
N LEU C 14 4.94 27.74 9.39
CA LEU C 14 5.53 27.02 8.27
C LEU C 14 5.20 25.55 8.43
N THR C 15 4.55 24.97 7.41
CA THR C 15 3.97 23.64 7.57
C THR C 15 5.03 22.55 7.71
N SER C 16 6.30 22.84 7.42
CA SER C 16 7.37 21.85 7.49
C SER C 16 8.39 22.16 8.57
N ASP C 17 7.98 22.84 9.65
CA ASP C 17 8.90 23.20 10.71
C ASP C 17 9.05 22.07 11.73
N ASP C 18 10.07 22.20 12.57
CA ASP C 18 10.36 21.24 13.64
C ASP C 18 10.61 22.02 14.92
N PHE C 19 9.58 22.13 15.76
CA PHE C 19 9.68 22.83 17.03
C PHE C 19 8.99 22.03 18.12
N GLN C 20 9.42 22.25 19.35
CA GLN C 20 8.77 21.64 20.50
C GLN C 20 7.54 22.44 20.89
N SER C 21 6.54 21.74 21.42
CA SER C 21 5.30 22.37 21.81
C SER C 21 4.77 21.70 23.08
N PRO C 22 3.96 22.40 23.87
CA PRO C 22 3.45 21.80 25.11
C PRO C 22 2.53 20.62 24.83
N CYS C 23 2.50 19.68 25.76
CA CYS C 23 1.61 18.52 25.65
C CYS C 23 0.28 18.84 26.31
N ALA C 24 -0.82 18.52 25.63
CA ALA C 24 -2.14 18.82 26.14
C ALA C 24 -2.64 17.79 27.14
N LEU C 25 -1.99 16.63 27.22
CA LEU C 25 -2.38 15.55 28.13
C LEU C 25 -1.15 15.15 28.94
N PRO C 26 -0.79 15.93 29.95
CA PRO C 26 0.45 15.64 30.69
C PRO C 26 0.41 14.28 31.36
N GLN C 27 1.56 13.60 31.35
CA GLN C 27 1.75 12.32 32.01
C GLN C 27 0.78 11.26 31.51
N PHE C 28 0.47 11.27 30.21
CA PHE C 28 -0.39 10.25 29.64
C PHE C 28 0.41 8.97 29.40
N ASP C 29 -0.18 7.83 29.77
CA ASP C 29 0.49 6.54 29.67
C ASP C 29 0.08 5.87 28.36
N VAL C 30 1.02 5.75 27.44
CA VAL C 30 0.70 5.19 26.13
C VAL C 30 0.67 3.66 26.21
N THR C 31 -0.05 3.05 25.27
CA THR C 31 -0.16 1.61 25.26
C THR C 31 1.19 0.98 24.92
N PRO C 32 1.54 -0.16 25.52
CA PRO C 32 2.83 -0.77 25.21
C PRO C 32 2.94 -1.12 23.73
N SER C 33 4.17 -1.03 23.21
CA SER C 33 4.43 -1.29 21.81
C SER C 33 4.43 -2.79 21.54
N MET C 34 4.07 -3.15 20.31
CA MET C 34 4.02 -4.54 19.88
C MET C 34 4.61 -4.63 18.49
N ASN C 35 5.39 -5.68 18.23
CA ASN C 35 6.07 -5.83 16.95
C ASN C 35 5.18 -6.56 15.95
N ILE C 36 4.35 -5.78 15.28
CA ILE C 36 3.48 -6.27 14.22
C ILE C 36 4.35 -6.66 13.03
N PRO C 37 4.08 -7.76 12.33
CA PRO C 37 4.91 -8.12 11.18
C PRO C 37 4.77 -7.12 10.05
N GLY C 38 5.86 -6.97 9.29
CA GLY C 38 5.81 -6.20 8.06
C GLY C 38 6.02 -4.71 8.25
N GLU C 39 6.97 -4.31 9.08
CA GLU C 39 7.24 -2.90 9.27
C GLU C 39 7.95 -2.31 8.06
N VAL C 40 7.49 -1.14 7.63
CA VAL C 40 8.08 -0.43 6.50
C VAL C 40 8.68 0.87 7.02
N LYS C 41 9.94 1.11 6.70
CA LYS C 41 10.67 2.28 7.20
C LYS C 41 11.02 3.27 6.11
N ASN C 42 10.93 2.90 4.83
CA ASN C 42 11.29 3.78 3.74
C ASN C 42 10.47 3.43 2.52
N LEU C 43 9.95 4.46 1.83
CA LEU C 43 9.07 4.22 0.70
C LEU C 43 9.77 3.53 -0.46
N MET C 44 11.09 3.66 -0.57
CA MET C 44 11.81 2.93 -1.60
C MET C 44 11.65 1.42 -1.46
N GLU C 45 11.45 0.93 -0.23
CA GLU C 45 11.17 -0.48 -0.05
C GLU C 45 9.90 -0.89 -0.79
N ILE C 46 8.86 -0.06 -0.73
CA ILE C 46 7.66 -0.30 -1.52
C ILE C 46 7.96 -0.18 -3.00
N ALA C 47 8.72 0.84 -3.38
CA ALA C 47 9.00 1.08 -4.79
C ALA C 47 9.79 -0.05 -5.44
N GLU C 48 10.52 -0.84 -4.66
CA GLU C 48 11.35 -1.91 -5.22
C GLU C 48 10.59 -3.19 -5.48
N VAL C 49 9.28 -3.23 -5.24
CA VAL C 49 8.49 -4.44 -5.47
C VAL C 49 7.91 -4.39 -6.88
N ASP C 50 7.84 -5.55 -7.53
CA ASP C 50 7.32 -5.64 -8.88
C ASP C 50 5.82 -5.39 -8.91
N SER C 51 5.35 -4.89 -10.05
CA SER C 51 3.92 -4.69 -10.28
C SER C 51 3.65 -4.81 -11.76
N VAL C 52 2.45 -5.30 -12.09
CA VAL C 52 2.11 -5.58 -13.48
C VAL C 52 1.90 -4.28 -14.23
N VAL C 53 2.48 -4.18 -15.42
CA VAL C 53 2.45 -2.96 -16.22
C VAL C 53 1.38 -3.12 -17.29
N PRO C 54 0.40 -2.21 -17.38
CA PRO C 54 -0.62 -2.32 -18.44
C PRO C 54 -0.12 -1.80 -19.78
N VAL C 55 0.60 -2.63 -20.54
CA VAL C 55 1.20 -2.16 -21.78
C VAL C 55 0.19 -2.07 -22.92
N ASN C 56 -0.86 -2.88 -22.91
CA ASN C 56 -1.78 -2.99 -24.04
C ASN C 56 -2.91 -1.96 -23.97
N ASN C 57 -2.56 -0.68 -24.09
CA ASN C 57 -3.54 0.40 -24.09
C ASN C 57 -3.98 0.80 -25.50
N VAL C 58 -4.80 -0.01 -26.17
CA VAL C 58 -5.00 0.16 -27.61
C VAL C 58 -6.28 0.93 -27.91
N GLN C 59 -6.83 1.62 -26.92
CA GLN C 59 -7.90 2.60 -27.16
C GLN C 59 -9.24 1.96 -27.55
N ASP C 60 -9.27 0.64 -27.72
CA ASP C 60 -10.51 -0.06 -28.02
C ASP C 60 -10.69 -1.27 -27.11
N THR C 61 -10.09 -1.25 -25.92
CA THR C 61 -10.20 -2.36 -24.99
C THR C 61 -11.55 -2.31 -24.31
N THR C 62 -12.48 -3.17 -24.73
CA THR C 62 -13.77 -3.26 -24.07
C THR C 62 -13.68 -3.99 -22.73
N ASP C 63 -12.64 -4.79 -22.53
CA ASP C 63 -12.40 -5.48 -21.27
C ASP C 63 -11.14 -4.92 -20.65
N GLN C 64 -11.24 -4.44 -19.41
CA GLN C 64 -10.11 -3.77 -18.77
C GLN C 64 -8.95 -4.73 -18.55
N MET C 65 -9.23 -5.99 -18.21
CA MET C 65 -8.15 -6.93 -17.93
C MET C 65 -7.30 -7.22 -19.16
N GLU C 66 -7.82 -6.94 -20.36
CA GLU C 66 -7.04 -7.18 -21.58
C GLU C 66 -5.82 -6.26 -21.65
N MET C 67 -5.77 -5.21 -20.84
CA MET C 67 -4.66 -4.27 -20.92
C MET C 67 -3.34 -4.91 -20.48
N PHE C 68 -3.41 -5.93 -19.63
CA PHE C 68 -2.19 -6.45 -19.00
C PHE C 68 -1.44 -7.45 -19.86
N ARG C 69 -2.10 -7.96 -20.89
CA ARG C 69 -1.53 -9.00 -21.73
C ARG C 69 -1.11 -8.56 -23.11
N ILE C 70 0.09 -8.95 -23.53
CA ILE C 70 0.61 -8.51 -24.81
C ILE C 70 0.45 -9.65 -25.81
N PRO C 71 -0.29 -9.47 -26.90
CA PRO C 71 -0.56 -10.59 -27.80
C PRO C 71 0.67 -11.08 -28.55
N VAL C 72 0.66 -12.35 -28.92
CA VAL C 72 1.72 -12.98 -29.70
C VAL C 72 1.07 -14.05 -30.58
N THR C 73 1.62 -14.24 -31.77
CA THR C 73 1.04 -15.13 -32.77
C THR C 73 2.11 -16.03 -33.37
N ILE C 74 1.66 -17.17 -33.90
CA ILE C 74 2.59 -18.17 -34.41
C ILE C 74 3.26 -17.71 -35.71
N ASN C 75 2.50 -17.20 -36.66
CA ASN C 75 3.03 -16.81 -37.96
C ASN C 75 3.09 -15.30 -38.04
N ALA C 76 4.30 -14.76 -38.18
CA ALA C 76 4.51 -13.33 -38.30
C ALA C 76 5.66 -13.10 -39.25
N PRO C 77 5.72 -11.93 -39.89
CA PRO C 77 6.88 -11.62 -40.72
C PRO C 77 8.17 -11.80 -39.94
N LEU C 78 9.27 -11.98 -40.67
CA LEU C 78 10.52 -12.38 -40.02
C LEU C 78 10.95 -11.37 -38.97
N GLN C 79 10.83 -10.08 -39.24
CA GLN C 79 11.10 -9.04 -38.26
C GLN C 79 9.80 -8.28 -38.02
N GLN C 80 9.35 -8.26 -36.77
CA GLN C 80 8.13 -7.57 -36.43
C GLN C 80 8.21 -7.08 -34.99
N GLN C 81 7.52 -5.98 -34.72
CA GLN C 81 7.57 -5.36 -33.40
C GLN C 81 6.47 -5.93 -32.53
N VAL C 82 6.83 -6.27 -31.29
CA VAL C 82 5.83 -6.73 -30.33
C VAL C 82 5.19 -5.55 -29.62
N PHE C 83 5.99 -4.64 -29.10
CA PHE C 83 5.46 -3.46 -28.42
C PHE C 83 6.53 -2.38 -28.40
N GLY C 84 6.10 -1.16 -28.12
CA GLY C 84 7.00 -0.03 -27.95
C GLY C 84 6.42 0.97 -26.97
N LEU C 85 7.29 1.62 -26.19
CA LEU C 85 6.81 2.52 -25.15
C LEU C 85 7.90 3.52 -24.79
N ARG C 86 7.46 4.67 -24.25
CA ARG C 86 8.39 5.68 -23.78
C ARG C 86 8.76 5.43 -22.33
N LEU C 87 10.02 5.72 -21.99
CA LEU C 87 10.51 5.51 -20.63
C LEU C 87 10.34 6.78 -19.82
N GLN C 88 9.08 7.02 -19.41
CA GLN C 88 8.71 8.13 -18.54
C GLN C 88 7.93 7.54 -17.37
N PRO C 89 8.63 7.01 -16.37
CA PRO C 89 7.93 6.24 -15.32
C PRO C 89 6.88 7.03 -14.58
N GLY C 90 7.01 8.34 -14.46
CA GLY C 90 6.06 9.12 -13.69
C GLY C 90 5.04 9.86 -14.52
N LEU C 91 5.15 9.79 -15.84
CA LEU C 91 4.30 10.60 -16.71
C LEU C 91 3.59 9.76 -17.76
N ASP C 92 4.24 8.72 -18.26
CA ASP C 92 3.64 7.88 -19.29
C ASP C 92 2.45 7.11 -18.73
N SER C 93 1.39 7.01 -19.54
CA SER C 93 0.20 6.31 -19.10
C SER C 93 0.50 4.86 -18.75
N VAL C 94 1.51 4.27 -19.39
CA VAL C 94 1.84 2.87 -19.11
C VAL C 94 2.33 2.72 -17.67
N PHE C 95 3.26 3.57 -17.25
CA PHE C 95 3.84 3.49 -15.91
C PHE C 95 3.18 4.41 -14.91
N LYS C 96 2.19 5.20 -15.33
CA LYS C 96 1.66 6.25 -14.46
C LYS C 96 1.09 5.68 -13.17
N HIS C 97 0.28 4.63 -13.26
CA HIS C 97 -0.47 4.12 -12.12
C HIS C 97 0.12 2.86 -11.53
N THR C 98 1.30 2.44 -11.97
CA THR C 98 1.93 1.27 -11.38
C THR C 98 2.37 1.57 -9.95
N LEU C 99 2.85 0.53 -9.27
CA LEU C 99 3.29 0.69 -7.89
C LEU C 99 4.51 1.60 -7.80
N LEU C 100 5.25 1.76 -8.90
CA LEU C 100 6.41 2.64 -8.92
C LEU C 100 6.01 4.06 -9.33
N GLY C 101 5.15 4.18 -10.34
CA GLY C 101 4.68 5.49 -10.76
C GLY C 101 3.93 6.22 -9.67
N GLU C 102 3.12 5.50 -8.89
CA GLU C 102 2.38 6.14 -7.81
C GLU C 102 3.33 6.74 -6.78
N ILE C 103 4.39 6.02 -6.42
CA ILE C 103 5.37 6.57 -5.49
C ILE C 103 6.09 7.76 -6.11
N LEU C 104 6.48 7.64 -7.37
CA LEU C 104 7.19 8.74 -8.02
C LEU C 104 6.35 10.00 -8.08
N ASN C 105 5.04 9.86 -8.25
CA ASN C 105 4.19 11.02 -8.43
C ASN C 105 4.08 11.88 -7.18
N TYR C 106 4.56 11.41 -6.04
CA TYR C 106 4.65 12.22 -4.83
C TYR C 106 5.93 13.03 -4.75
N TYR C 107 6.83 12.90 -5.73
CA TYR C 107 8.13 13.56 -5.71
C TYR C 107 8.35 14.26 -7.04
N ALA C 108 9.35 15.14 -7.06
CA ALA C 108 9.63 15.93 -8.24
C ALA C 108 10.85 15.43 -9.01
N HIS C 109 11.87 14.92 -8.34
CA HIS C 109 13.08 14.43 -8.99
C HIS C 109 13.24 12.94 -8.72
N TRP C 110 13.90 12.25 -9.65
CA TRP C 110 14.21 10.85 -9.49
C TRP C 110 15.50 10.53 -10.22
N SER C 111 16.15 9.45 -9.79
CA SER C 111 17.35 8.96 -10.47
C SER C 111 17.55 7.50 -10.11
N GLY C 112 18.36 6.83 -10.91
CA GLY C 112 18.66 5.42 -10.71
C GLY C 112 18.18 4.57 -11.88
N SER C 113 18.51 3.29 -11.80
CA SER C 113 18.19 2.33 -12.84
C SER C 113 16.88 1.62 -12.52
N MET C 114 16.35 0.91 -13.53
CA MET C 114 15.06 0.26 -13.45
C MET C 114 15.17 -1.17 -13.95
N LYS C 115 14.26 -2.02 -13.48
CA LYS C 115 14.16 -3.40 -13.93
C LYS C 115 12.83 -3.60 -14.64
N LEU C 116 12.87 -4.18 -15.83
CA LEU C 116 11.69 -4.65 -16.53
C LEU C 116 11.79 -6.16 -16.65
N THR C 117 10.80 -6.87 -16.10
CA THR C 117 10.78 -8.32 -16.11
C THR C 117 9.62 -8.79 -17.00
N PHE C 118 9.92 -9.69 -17.94
CA PHE C 118 8.94 -10.22 -18.86
C PHE C 118 8.76 -11.71 -18.61
N VAL C 119 7.52 -12.15 -18.61
CA VAL C 119 7.17 -13.54 -18.33
C VAL C 119 6.31 -14.06 -19.46
N PHE C 120 6.65 -15.24 -19.97
CA PHE C 120 5.92 -15.87 -21.06
C PHE C 120 4.89 -16.83 -20.47
N CYS C 121 3.63 -16.63 -20.84
CA CYS C 121 2.51 -17.40 -20.30
C CYS C 121 1.83 -18.24 -21.37
N GLY C 122 2.61 -18.81 -22.29
CA GLY C 122 2.08 -19.69 -23.30
C GLY C 122 2.06 -21.13 -22.84
N SER C 123 1.90 -22.03 -23.80
CA SER C 123 1.92 -23.45 -23.51
C SER C 123 3.33 -23.91 -23.20
N ALA C 124 3.44 -25.05 -22.51
CA ALA C 124 4.75 -25.58 -22.18
C ALA C 124 5.50 -26.05 -23.42
N MET C 125 4.78 -26.41 -24.48
CA MET C 125 5.42 -26.87 -25.71
C MET C 125 5.80 -25.73 -26.65
N ALA C 126 5.34 -24.51 -26.39
CA ALA C 126 5.69 -23.40 -27.25
C ALA C 126 7.13 -22.95 -27.00
N THR C 127 7.73 -22.34 -28.01
CA THR C 127 9.11 -21.87 -27.93
C THR C 127 9.29 -20.64 -28.81
N GLY C 128 10.32 -19.86 -28.51
CA GLY C 128 10.61 -18.69 -29.30
C GLY C 128 11.74 -17.90 -28.68
N LYS C 129 12.19 -16.88 -29.41
CA LYS C 129 13.22 -15.95 -28.95
C LYS C 129 12.77 -14.53 -29.26
N PHE C 130 13.07 -13.62 -28.34
CA PHE C 130 12.70 -12.21 -28.47
C PHE C 130 13.90 -11.34 -28.18
N LEU C 131 13.96 -10.21 -28.89
CA LEU C 131 15.01 -9.20 -28.67
C LEU C 131 14.37 -7.98 -28.01
N ILE C 132 14.86 -7.63 -26.82
CA ILE C 132 14.33 -6.51 -26.06
C ILE C 132 15.47 -5.49 -25.94
N ALA C 133 15.20 -4.26 -26.38
CA ALA C 133 16.24 -3.26 -26.49
C ALA C 133 15.83 -1.96 -25.84
N TYR C 134 16.80 -1.24 -25.29
CA TYR C 134 16.62 0.09 -24.74
C TYR C 134 17.43 1.07 -25.56
N SER C 135 16.78 2.10 -26.09
CA SER C 135 17.43 3.09 -26.94
C SER C 135 17.53 4.42 -26.20
N PRO C 136 18.72 4.89 -25.86
CA PRO C 136 18.82 6.17 -25.14
C PRO C 136 18.20 7.31 -25.93
N PRO C 137 18.06 8.48 -25.32
CA PRO C 137 17.36 9.58 -25.98
C PRO C 137 17.99 9.95 -27.31
N GLY C 138 17.16 10.32 -28.26
CA GLY C 138 17.63 10.68 -29.59
C GLY C 138 16.52 11.36 -30.35
N ALA C 139 16.87 11.80 -31.56
CA ALA C 139 15.92 12.52 -32.40
C ALA C 139 14.86 11.62 -33.02
N ASN C 140 15.08 10.31 -33.08
CA ASN C 140 14.14 9.41 -33.74
C ASN C 140 14.11 8.06 -33.04
N PRO C 141 12.93 7.54 -32.67
CA PRO C 141 12.87 6.20 -32.11
C PRO C 141 13.14 5.16 -33.18
N PRO C 142 13.63 3.97 -32.79
CA PRO C 142 13.92 2.94 -33.79
C PRO C 142 12.66 2.51 -34.53
N LYS C 143 12.82 2.24 -35.82
CA LYS C 143 11.72 1.81 -36.67
C LYS C 143 11.78 0.35 -37.05
N THR C 144 12.98 -0.25 -36.98
CA THR C 144 13.19 -1.62 -37.34
C THR C 144 14.09 -2.27 -36.35
N ARG C 145 14.23 -3.59 -36.42
CA ARG C 145 15.05 -4.30 -35.48
C ARG C 145 16.49 -3.98 -35.70
N LYS C 146 16.83 -3.67 -36.93
CA LYS C 146 18.19 -3.32 -37.24
C LYS C 146 18.59 -2.10 -36.49
N ASP C 147 17.67 -1.18 -36.30
CA ASP C 147 17.96 0.02 -35.57
C ASP C 147 17.98 -0.27 -34.12
N ALA C 148 17.02 -1.05 -33.66
CA ALA C 148 16.91 -1.30 -32.23
C ALA C 148 18.14 -1.98 -31.67
N MET C 149 18.72 -2.92 -32.43
CA MET C 149 19.82 -3.73 -31.92
C MET C 149 21.11 -2.93 -31.70
N LEU C 150 21.18 -1.69 -32.17
CA LEU C 150 22.35 -0.86 -31.93
C LEU C 150 22.44 -0.37 -30.49
N GLY C 151 21.34 -0.35 -29.76
CA GLY C 151 21.35 0.08 -28.37
C GLY C 151 21.49 -1.09 -27.41
N THR C 152 21.34 -0.79 -26.13
CA THR C 152 21.37 -1.82 -25.10
C THR C 152 20.24 -2.81 -25.33
N HIS C 153 20.54 -4.11 -25.29
CA HIS C 153 19.52 -5.11 -25.54
C HIS C 153 19.95 -6.45 -24.96
N ILE C 154 18.98 -7.36 -24.88
CA ILE C 154 19.20 -8.72 -24.43
C ILE C 154 18.38 -9.66 -25.30
N ILE C 155 18.95 -10.81 -25.64
CA ILE C 155 18.24 -11.84 -26.39
C ILE C 155 17.64 -12.80 -25.38
N TRP C 156 16.32 -12.96 -25.42
CA TRP C 156 15.58 -13.74 -24.45
C TRP C 156 15.20 -15.08 -25.07
N ASP C 157 15.62 -16.17 -24.43
CA ASP C 157 15.32 -17.53 -24.88
C ASP C 157 14.30 -18.13 -23.94
N ILE C 158 13.17 -18.57 -24.50
CA ILE C 158 12.09 -19.12 -23.70
C ILE C 158 12.31 -20.61 -23.49
N GLY C 159 12.32 -21.03 -22.23
CA GLY C 159 12.56 -22.41 -21.88
C GLY C 159 11.96 -22.76 -20.54
N LEU C 160 12.69 -23.51 -19.72
CA LEU C 160 12.20 -23.84 -18.38
C LEU C 160 12.08 -22.60 -17.52
N GLN C 161 13.03 -21.67 -17.62
CA GLN C 161 12.92 -20.40 -16.92
C GLN C 161 11.97 -19.49 -17.69
N SER C 162 10.86 -19.12 -17.05
CA SER C 162 9.80 -18.41 -17.75
C SER C 162 10.03 -16.91 -17.84
N SER C 163 11.02 -16.37 -17.12
CA SER C 163 11.16 -14.93 -16.98
C SER C 163 12.57 -14.50 -17.36
N CYS C 164 12.66 -13.27 -17.90
CA CYS C 164 13.92 -12.64 -18.21
C CYS C 164 13.86 -11.18 -17.78
N VAL C 165 15.00 -10.61 -17.42
CA VAL C 165 15.08 -9.28 -16.84
C VAL C 165 15.89 -8.39 -17.78
N LEU C 166 15.28 -7.29 -18.21
CA LEU C 166 16.01 -6.22 -18.88
C LEU C 166 16.28 -5.13 -17.86
N CYS C 167 17.55 -4.92 -17.54
CA CYS C 167 17.94 -3.87 -16.59
C CYS C 167 18.26 -2.61 -17.38
N VAL C 168 17.45 -1.57 -17.19
CA VAL C 168 17.63 -0.32 -17.89
C VAL C 168 18.69 0.49 -17.15
N PRO C 169 19.87 0.72 -17.73
CA PRO C 169 20.91 1.45 -17.00
C PRO C 169 20.58 2.92 -16.87
N TRP C 170 21.25 3.57 -15.93
CA TRP C 170 21.09 5.01 -15.73
C TRP C 170 22.11 5.73 -16.59
N ILE C 171 21.67 6.18 -17.77
CA ILE C 171 22.50 6.97 -18.67
C ILE C 171 21.85 8.35 -18.77
N SER C 172 22.49 9.35 -18.19
CA SER C 172 21.93 10.69 -18.18
C SER C 172 23.05 11.70 -18.06
N GLN C 173 22.78 12.92 -18.52
CA GLN C 173 23.73 14.01 -18.40
C GLN C 173 23.66 14.69 -17.04
N THR C 174 22.52 14.60 -16.37
CA THR C 174 22.32 15.23 -15.07
C THR C 174 22.15 14.14 -14.00
N HIS C 175 22.47 14.49 -12.77
CA HIS C 175 22.34 13.52 -11.68
C HIS C 175 20.90 13.12 -11.46
N TYR C 176 19.95 14.00 -11.76
CA TYR C 176 18.53 13.77 -11.49
C TYR C 176 17.71 14.12 -12.71
N ARG C 177 16.50 13.58 -12.76
CA ARG C 177 15.55 13.84 -13.82
C ARG C 177 14.23 14.29 -13.22
N LEU C 178 13.50 15.12 -13.95
CA LEU C 178 12.20 15.57 -13.50
C LEU C 178 11.16 14.48 -13.67
N VAL C 179 10.25 14.37 -12.70
CA VAL C 179 9.13 13.44 -12.84
C VAL C 179 8.19 13.91 -13.95
N GLN C 180 7.89 15.21 -13.98
CA GLN C 180 7.16 15.82 -15.08
C GLN C 180 8.12 16.04 -16.24
N GLN C 181 8.54 14.92 -16.84
CA GLN C 181 9.62 14.96 -17.81
C GLN C 181 9.26 15.86 -18.99
N ASP C 182 10.25 16.63 -19.42
CA ASP C 182 10.16 17.48 -20.60
C ASP C 182 11.25 17.05 -21.57
N GLU C 183 11.32 17.74 -22.72
CA GLU C 183 12.25 17.33 -23.77
C GLU C 183 13.70 17.40 -23.28
N TYR C 184 14.00 18.32 -22.36
CA TYR C 184 15.36 18.46 -21.88
C TYR C 184 15.82 17.21 -21.13
N THR C 185 14.95 16.60 -20.35
CA THR C 185 15.28 15.43 -19.55
C THR C 185 14.70 14.14 -20.11
N SER C 186 14.64 13.99 -21.43
CA SER C 186 14.13 12.76 -22.04
C SER C 186 14.93 11.56 -21.54
N ALA C 187 14.35 10.36 -21.61
CA ALA C 187 14.98 9.16 -21.09
C ALA C 187 15.09 8.03 -22.10
N GLY C 188 14.44 8.12 -23.24
CA GLY C 188 14.58 7.11 -24.27
C GLY C 188 13.34 6.27 -24.47
N TYR C 189 13.53 5.15 -25.18
CA TYR C 189 12.45 4.27 -25.57
C TYR C 189 12.82 2.82 -25.28
N VAL C 190 11.79 1.97 -25.18
CA VAL C 190 11.96 0.53 -25.03
C VAL C 190 11.09 -0.16 -26.05
N THR C 191 11.65 -1.13 -26.77
CA THR C 191 10.93 -1.84 -27.82
C THR C 191 11.31 -3.32 -27.76
N CYS C 192 10.40 -4.16 -28.26
CA CYS C 192 10.59 -5.60 -28.31
C CYS C 192 10.27 -6.11 -29.69
N TRP C 193 11.09 -7.02 -30.20
CA TRP C 193 10.98 -7.52 -31.56
C TRP C 193 11.10 -9.04 -31.57
N TYR C 194 10.53 -9.66 -32.60
CA TYR C 194 10.73 -11.09 -32.81
C TYR C 194 12.17 -11.35 -33.21
N GLN C 195 12.81 -12.31 -32.55
CA GLN C 195 14.15 -12.73 -32.91
C GLN C 195 14.14 -13.93 -33.84
N THR C 196 13.32 -14.93 -33.56
CA THR C 196 13.27 -16.13 -34.38
C THR C 196 11.83 -16.46 -34.78
N GLY C 197 10.89 -16.12 -33.91
CA GLY C 197 9.49 -16.44 -34.15
C GLY C 197 9.01 -17.52 -33.21
N MET C 198 7.70 -17.54 -32.99
CA MET C 198 7.08 -18.48 -32.08
C MET C 198 6.59 -19.71 -32.84
N ILE C 199 6.98 -20.90 -32.36
CA ILE C 199 6.67 -22.16 -33.03
C ILE C 199 5.91 -23.04 -32.06
N VAL C 200 4.87 -23.71 -32.56
CA VAL C 200 4.02 -24.56 -31.73
C VAL C 200 3.79 -25.91 -32.40
N PRO C 201 3.60 -26.98 -31.64
CA PRO C 201 3.27 -28.27 -32.25
C PRO C 201 1.78 -28.40 -32.46
N PRO C 202 1.33 -29.51 -33.05
CA PRO C 202 -0.11 -29.71 -33.22
C PRO C 202 -0.82 -29.82 -31.88
N GLY C 203 -2.07 -29.36 -31.85
CA GLY C 203 -2.88 -29.48 -30.66
C GLY C 203 -2.60 -28.45 -29.58
N THR C 204 -2.17 -27.26 -29.94
CA THR C 204 -1.95 -26.18 -29.00
C THR C 204 -2.62 -24.91 -29.51
N PRO C 205 -2.94 -23.97 -28.63
CA PRO C 205 -3.52 -22.70 -29.09
C PRO C 205 -2.55 -21.94 -29.97
N ASN C 206 -3.10 -21.17 -30.91
CA ASN C 206 -2.29 -20.44 -31.88
C ASN C 206 -1.82 -19.08 -31.37
N SER C 207 -2.24 -18.66 -30.17
CA SER C 207 -1.88 -17.37 -29.65
C SER C 207 -1.44 -17.50 -28.19
N SER C 208 -0.61 -16.57 -27.75
CA SER C 208 -0.09 -16.57 -26.40
C SER C 208 0.04 -15.12 -25.93
N SER C 209 0.33 -14.96 -24.65
CA SER C 209 0.41 -13.65 -24.03
C SER C 209 1.69 -13.51 -23.23
N ILE C 210 2.15 -12.28 -23.08
CA ILE C 210 3.29 -11.93 -22.23
C ILE C 210 2.83 -10.86 -21.26
N MET C 211 3.46 -10.82 -20.09
CA MET C 211 3.21 -9.76 -19.12
C MET C 211 4.54 -9.11 -18.72
N CYS C 212 4.45 -7.86 -18.30
CA CYS C 212 5.62 -7.06 -17.94
C CYS C 212 5.50 -6.60 -16.49
N PHE C 213 6.63 -6.61 -15.79
CA PHE C 213 6.72 -6.16 -14.40
C PHE C 213 7.76 -5.05 -14.32
N ALA C 214 7.48 -4.01 -13.54
CA ALA C 214 8.36 -2.87 -13.40
C ALA C 214 8.72 -2.65 -11.94
N SER C 215 10.00 -2.37 -11.68
CA SER C 215 10.47 -2.11 -10.32
C SER C 215 11.77 -1.34 -10.41
N ALA C 216 12.18 -0.80 -9.26
CA ALA C 216 13.41 -0.01 -9.18
C ALA C 216 14.55 -0.86 -8.63
N CYS C 217 15.77 -0.46 -8.99
CA CYS C 217 16.97 -1.13 -8.51
C CYS C 217 17.36 -0.60 -7.14
N ASN C 218 18.50 -1.07 -6.64
CA ASN C 218 18.97 -0.68 -5.31
C ASN C 218 19.68 0.67 -5.30
N ASP C 219 19.91 1.28 -6.46
CA ASP C 219 20.48 2.63 -6.52
C ASP C 219 19.43 3.69 -6.84
N PHE C 220 18.15 3.35 -6.77
CA PHE C 220 17.08 4.30 -7.05
C PHE C 220 16.89 5.25 -5.87
N SER C 221 16.50 6.49 -6.15
CA SER C 221 16.20 7.45 -5.11
C SER C 221 15.32 8.56 -5.68
N VAL C 222 14.62 9.26 -4.78
CA VAL C 222 13.72 10.34 -5.14
C VAL C 222 14.01 11.54 -4.25
N ARG C 223 13.34 12.65 -4.55
CA ARG C 223 13.68 13.90 -3.91
C ARG C 223 12.53 14.90 -4.09
N MET C 224 12.50 15.93 -3.24
CA MET C 224 11.57 17.05 -3.42
C MET C 224 10.10 16.66 -3.37
N LEU C 225 9.61 16.29 -2.19
CA LEU C 225 8.19 15.96 -2.01
C LEU C 225 7.29 17.00 -2.66
N ARG C 226 6.14 16.52 -3.17
CA ARG C 226 5.10 17.38 -3.73
C ARG C 226 3.78 16.64 -3.65
N ASP C 227 2.70 17.37 -3.89
CA ASP C 227 1.37 16.77 -3.86
C ASP C 227 1.05 16.07 -5.18
N THR C 228 0.44 14.90 -5.08
CA THR C 228 0.12 14.13 -6.27
C THR C 228 -1.07 14.74 -7.00
N PRO C 229 -1.07 14.75 -8.34
CA PRO C 229 -2.20 15.32 -9.07
C PRO C 229 -3.32 14.33 -9.37
N PHE C 230 -3.21 13.08 -8.92
CA PHE C 230 -4.17 12.05 -9.29
C PHE C 230 -5.46 12.11 -8.49
N ILE C 231 -5.49 12.78 -7.35
CA ILE C 231 -6.64 12.76 -6.45
C ILE C 231 -7.10 14.18 -6.21
N SER C 232 -8.41 14.41 -6.28
CA SER C 232 -8.97 15.73 -6.10
C SER C 232 -10.40 15.60 -5.61
N GLN C 233 -10.92 16.70 -5.05
CA GLN C 233 -12.30 16.75 -4.57
C GLN C 233 -12.89 18.10 -4.91
N ASP C 234 -14.22 18.14 -5.03
CA ASP C 234 -14.94 19.38 -5.31
C ASP C 234 -15.70 19.91 -4.10
N ASN C 235 -16.07 19.04 -3.17
CA ASN C 235 -16.80 19.44 -1.98
C ASN C 235 -16.29 18.63 -0.80
N LYS C 236 -16.54 19.14 0.41
CA LYS C 236 -16.16 18.40 1.61
C LYS C 236 -16.92 17.09 1.67
N LEU C 237 -16.20 16.01 1.98
CA LEU C 237 -16.82 14.70 2.07
C LEU C 237 -17.70 14.62 3.31
N GLN C 238 -18.77 13.84 3.20
CA GLN C 238 -19.70 13.67 4.31
C GLN C 238 -20.21 12.23 4.37
N GLY D 1 22.98 18.19 29.62
CA GLY D 1 21.62 17.97 29.17
C GLY D 1 21.46 18.41 27.76
N ALA D 2 22.56 18.80 27.13
CA ALA D 2 22.49 19.29 25.76
C ALA D 2 23.06 18.24 24.81
N GLN D 3 22.30 17.89 23.78
CA GLN D 3 22.79 16.97 22.77
C GLN D 3 23.43 17.74 21.63
N VAL D 4 24.57 17.24 21.15
CA VAL D 4 25.27 17.81 20.01
C VAL D 4 25.36 16.74 18.93
N SER D 5 24.92 17.06 17.73
CA SER D 5 24.92 16.10 16.63
C SER D 5 25.12 16.82 15.32
N THR D 6 25.53 16.07 14.31
CA THR D 6 25.81 16.65 13.00
C THR D 6 24.51 16.99 12.28
N GLN D 7 24.57 18.01 11.44
CA GLN D 7 23.44 18.43 10.62
C GLN D 7 23.72 18.11 9.16
N LYS D 8 22.67 17.87 8.40
CA LYS D 8 22.80 17.49 7.00
C LYS D 8 23.65 18.39 6.18
N THR D 9 24.39 17.82 5.25
CA THR D 9 25.25 18.58 4.39
C THR D 9 24.48 19.62 3.64
N GLY D 10 25.18 20.57 3.05
CA GLY D 10 24.53 21.59 2.26
C GLY D 10 25.50 22.08 1.20
N ALA D 11 25.16 23.15 0.50
CA ALA D 11 26.07 23.71 -0.48
C ALA D 11 27.34 24.09 0.22
N HIS D 12 28.41 24.26 -0.53
CA HIS D 12 29.71 24.56 0.06
C HIS D 12 30.12 23.44 1.01
N GLU D 13 30.45 22.29 0.45
CA GLU D 13 30.87 21.16 1.25
C GLU D 13 31.57 20.13 0.39
N ILE D 23 29.74 24.92 11.30
CA ILE D 23 30.61 23.84 11.76
C ILE D 23 29.87 22.51 11.73
N ILE D 24 28.82 22.43 10.91
CA ILE D 24 28.07 21.20 10.68
C ILE D 24 27.71 20.52 11.99
N HIS D 25 27.48 21.31 13.04
CA HIS D 25 27.01 20.82 14.32
C HIS D 25 25.87 21.70 14.81
N TYR D 26 24.90 21.09 15.47
CA TYR D 26 23.81 21.84 16.07
C TYR D 26 23.52 21.29 17.47
N THR D 27 22.96 22.15 18.31
CA THR D 27 22.70 21.85 19.71
C THR D 27 21.20 21.80 19.95
N ASN D 28 20.79 20.85 20.80
CA ASN D 28 19.39 20.64 21.11
C ASN D 28 19.22 20.44 22.61
N ILE D 29 18.16 21.03 23.16
CA ILE D 29 17.80 20.88 24.56
C ILE D 29 16.30 20.68 24.65
N ASN D 30 15.86 19.80 25.55
CA ASN D 30 14.46 19.51 25.75
C ASN D 30 13.94 20.34 26.92
N TYR D 31 12.78 20.95 26.76
CA TYR D 31 12.24 21.85 27.77
C TYR D 31 11.03 21.27 28.50
N TYR D 32 10.37 20.26 27.95
CA TYR D 32 9.11 19.76 28.47
C TYR D 32 9.27 18.37 29.05
N LYS D 33 8.37 18.00 29.95
CA LYS D 33 8.49 16.76 30.70
C LYS D 33 7.91 15.55 29.99
N ASP D 34 7.25 15.74 28.85
CA ASP D 34 6.64 14.65 28.10
C ASP D 34 7.43 14.41 26.83
N ALA D 35 7.75 13.15 26.56
CA ALA D 35 8.50 12.81 25.37
C ALA D 35 7.73 13.14 24.10
N ALA D 36 6.41 13.25 24.18
CA ALA D 36 5.62 13.61 23.00
C ALA D 36 5.88 15.04 22.56
N SER D 37 6.45 15.88 23.43
CA SER D 37 6.69 17.28 23.09
C SER D 37 7.95 17.47 22.27
N ASN D 38 8.80 16.46 22.17
CA ASN D 38 10.06 16.60 21.45
C ASN D 38 9.80 16.87 19.98
N SER D 39 10.86 17.29 19.30
CA SER D 39 10.78 17.53 17.86
C SER D 39 10.96 16.21 17.10
N ALA D 40 10.56 16.25 15.83
CA ALA D 40 10.59 15.05 15.01
C ALA D 40 12.01 14.50 14.90
N ASN D 41 12.10 13.18 14.89
CA ASN D 41 13.38 12.52 14.75
C ASN D 41 13.55 12.17 13.30
N ARG D 42 13.81 13.18 12.49
CA ARG D 42 13.89 12.96 11.07
C ARG D 42 15.32 12.80 10.61
N GLN D 43 16.10 11.99 11.32
CA GLN D 43 17.46 11.74 10.90
C GLN D 43 17.83 10.29 11.02
N ASP D 44 16.87 9.39 10.93
CA ASP D 44 17.16 7.96 10.92
C ASP D 44 17.04 7.49 9.51
N PHE D 45 18.04 6.77 9.01
CA PHE D 45 18.03 6.38 7.60
C PHE D 45 18.25 4.89 7.38
N THR D 46 17.92 4.05 8.35
CA THR D 46 18.07 2.61 8.16
C THR D 46 16.88 2.05 7.38
N GLN D 47 17.14 1.03 6.57
CA GLN D 47 16.10 0.42 5.76
C GLN D 47 16.53 -0.98 5.34
N ASP D 48 15.52 -1.83 5.08
CA ASP D 48 15.76 -3.24 4.76
C ASP D 48 14.59 -3.75 3.92
N PRO D 49 14.77 -3.87 2.60
CA PRO D 49 13.64 -4.27 1.74
C PRO D 49 13.44 -5.77 1.62
N SER D 50 14.24 -6.58 2.31
CA SER D 50 14.14 -8.03 2.14
C SER D 50 12.78 -8.56 2.56
N LYS D 51 12.11 -7.88 3.49
CA LYS D 51 10.80 -8.36 3.95
C LYS D 51 9.78 -8.39 2.82
N PHE D 52 9.93 -7.51 1.83
CA PHE D 52 8.99 -7.44 0.72
C PHE D 52 9.54 -7.95 -0.60
N THR D 53 10.87 -7.93 -0.78
CA THR D 53 11.45 -8.37 -2.04
C THR D 53 11.86 -9.84 -2.01
N GLU D 54 12.23 -10.37 -0.85
CA GLU D 54 12.72 -11.74 -0.72
C GLU D 54 11.99 -12.45 0.41
N PRO D 55 10.67 -12.65 0.29
CA PRO D 55 9.92 -13.33 1.33
C PRO D 55 9.93 -14.85 1.24
N VAL D 56 10.79 -15.44 0.41
CA VAL D 56 10.78 -16.88 0.21
C VAL D 56 11.50 -17.58 1.36
N LYS D 57 11.26 -18.89 1.48
CA LYS D 57 11.85 -19.66 2.57
C LYS D 57 13.29 -20.04 2.26
N ASP D 58 13.50 -20.75 1.16
CA ASP D 58 14.84 -21.16 0.76
C ASP D 58 15.55 -20.01 0.08
N VAL D 59 16.80 -19.78 0.47
CA VAL D 59 17.57 -18.67 -0.11
C VAL D 59 17.84 -18.96 -1.59
N MET D 60 17.65 -17.93 -2.41
CA MET D 60 17.87 -18.02 -3.85
C MET D 60 19.13 -17.26 -4.22
N ILE D 61 20.01 -17.91 -4.97
CA ILE D 61 21.25 -17.32 -5.43
C ILE D 61 20.98 -16.70 -6.80
N LYS D 62 21.35 -15.44 -6.97
CA LYS D 62 21.03 -14.74 -8.21
C LYS D 62 21.72 -15.38 -9.41
N SER D 63 22.96 -15.82 -9.25
CA SER D 63 23.70 -16.40 -10.38
C SER D 63 23.20 -17.79 -10.75
N LEU D 64 22.56 -18.51 -9.84
CA LEU D 64 22.12 -19.85 -10.13
C LEU D 64 20.76 -19.80 -10.78
N PRO D 65 20.35 -20.91 -11.41
CA PRO D 65 19.01 -20.94 -11.97
C PRO D 65 18.00 -21.04 -10.86
N ALA D 66 16.82 -20.48 -11.05
CA ALA D 66 15.82 -20.46 -9.99
C ALA D 66 15.25 -21.84 -9.76
N LEU D 67 14.31 -22.25 -10.60
CA LEU D 67 13.72 -23.55 -10.46
C LEU D 67 14.74 -24.55 -10.89
N ASN D 68 15.25 -25.34 -9.96
CA ASN D 68 16.27 -26.33 -10.26
C ASN D 68 17.41 -25.69 -11.01
#